data_4NXS
#
_entry.id   4NXS
#
_cell.length_a   90.783
_cell.length_b   90.783
_cell.length_c   217.382
_cell.angle_alpha   90.00
_cell.angle_beta   90.00
_cell.angle_gamma   120.00
#
_symmetry.space_group_name_H-M   'P 32 2 1'
#
loop_
_entity.id
_entity.type
_entity.pdbx_description
1 polymer 'Alpha-galactosidase A'
2 branched 2-acetamido-2-deoxy-beta-D-glucopyranose-(1-4)-2-acetamido-2-deoxy-beta-D-glucopyranose
3 non-polymer 'SULFATE ION'
4 non-polymer 2-acetamido-2-deoxy-beta-D-glucopyranose
5 non-polymer (2R,3S,4R,5S)-N-(4-fluorophenyl)-3,4,5-trihydroxy-2-(hydroxymethyl)piperidine-1-carbothioamide
6 water water
#
_entity_poly.entity_id   1
_entity_poly.type   'polypeptide(L)'
_entity_poly.pdbx_seq_one_letter_code
;LDNGLARTPTMGWLHWERFMCNLDCQEEPDSCISEKLFMEMAELMVSEGWKDAGYEYLCIDDCWMAPQRDSEGRLQADPQ
RFPHGIRQLANYVHSKGLKLGIYADVGNKTCAGFPGSFGYYDIDAQTFADWGVDLLKFDGCYCDSLENLADGYKHMSLAL
NRTGRSIVYSCEWPLYMWPFQKPNYTEIRQYCNHWRNFADIDDSWKSIKSILDWTSFNQERIVDVAGPGGWNDPDMLVIG
NFGLSWNQQVTQMALWAIMAAPLFMSNDLRHISPQAKALLQDKDVIAINQDPLGKQGYQLRQGDNFEVWERPLSGLAWAV
AMINRQEIGGPRSYTIAVASLGKGVACNPACFITQLLPVKRKLGFYEWTSRLRSHINPTGTVLLQLENTMQMSLKDLL
;
_entity_poly.pdbx_strand_id   A,B
#
# COMPACT_ATOMS: atom_id res chain seq x y z
N LEU A 1 -31.46 16.33 -2.66
CA LEU A 1 -32.18 17.04 -1.62
C LEU A 1 -32.14 18.54 -1.86
N ASP A 2 -33.31 19.16 -1.95
CA ASP A 2 -33.39 20.57 -2.24
C ASP A 2 -33.60 21.35 -0.94
N ASN A 3 -32.52 21.54 -0.20
CA ASN A 3 -32.52 22.37 1.00
C ASN A 3 -31.52 23.51 0.90
N GLY A 4 -30.99 23.71 -0.30
CA GLY A 4 -30.02 24.77 -0.55
C GLY A 4 -28.60 24.42 -0.16
N LEU A 5 -28.39 23.23 0.39
CA LEU A 5 -27.07 22.83 0.88
C LEU A 5 -26.37 21.86 -0.06
N ALA A 6 -25.08 21.66 0.19
CA ALA A 6 -24.23 20.76 -0.59
C ALA A 6 -24.35 21.02 -2.09
N ARG A 7 -24.33 22.30 -2.48
CA ARG A 7 -24.40 22.66 -3.89
C ARG A 7 -23.12 22.20 -4.58
N THR A 8 -22.06 22.07 -3.79
CA THR A 8 -20.85 21.36 -4.18
C THR A 8 -20.66 20.24 -3.16
N PRO A 9 -19.83 19.23 -3.47
CA PRO A 9 -19.63 18.15 -2.49
C PRO A 9 -19.11 18.65 -1.15
N THR A 10 -19.75 18.21 -0.07
CA THR A 10 -19.37 18.58 1.28
C THR A 10 -17.92 18.22 1.57
N MET A 11 -17.20 19.12 2.25
CA MET A 11 -15.81 18.88 2.61
C MET A 11 -15.64 19.01 4.12
N GLY A 12 -14.88 18.09 4.71
CA GLY A 12 -14.62 18.14 6.13
C GLY A 12 -13.83 16.99 6.71
N TRP A 13 -14.08 16.72 7.99
CA TRP A 13 -13.34 15.69 8.73
C TRP A 13 -14.30 14.80 9.52
N LEU A 14 -14.12 13.49 9.38
CA LEU A 14 -14.97 12.50 10.04
C LEU A 14 -14.09 11.50 10.76
N HIS A 15 -14.42 11.20 12.01
CA HIS A 15 -13.48 10.48 12.88
C HIS A 15 -13.43 8.96 12.69
N TRP A 16 -14.39 8.39 11.97
CA TRP A 16 -14.61 6.95 12.05
C TRP A 16 -13.44 6.06 11.66
N GLU A 17 -12.85 6.27 10.49
CA GLU A 17 -11.85 5.32 9.99
C GLU A 17 -10.60 5.32 10.87
N ARG A 18 -10.19 6.49 11.33
CA ARG A 18 -8.96 6.60 12.10
C ARG A 18 -9.15 6.31 13.59
N PHE A 19 -10.28 6.72 14.16
CA PHE A 19 -10.47 6.61 15.61
C PHE A 19 -11.57 5.62 16.02
N MET A 20 -12.43 5.25 15.08
CA MET A 20 -13.47 4.23 15.30
C MET A 20 -14.25 4.41 16.61
N CYS A 21 -14.34 3.35 17.40
CA CYS A 21 -15.13 3.38 18.62
C CYS A 21 -14.27 3.24 19.87
N ASN A 22 -13.21 4.04 19.95
CA ASN A 22 -12.32 4.02 21.10
C ASN A 22 -12.95 4.70 22.32
N LEU A 23 -13.22 3.91 23.35
CA LEU A 23 -13.82 4.44 24.58
C LEU A 23 -12.83 4.42 25.74
N ASP A 24 -11.62 3.91 25.49
CA ASP A 24 -10.61 3.80 26.53
C ASP A 24 -9.96 5.15 26.77
N CYS A 25 -10.65 6.01 27.52
CA CYS A 25 -10.16 7.36 27.80
C CYS A 25 -9.12 7.39 28.91
N GLN A 26 -9.03 6.30 29.68
CA GLN A 26 -8.07 6.26 30.79
C GLN A 26 -6.68 5.84 30.32
N GLU A 27 -6.60 4.90 29.40
CA GLU A 27 -5.29 4.46 28.93
C GLU A 27 -4.92 5.08 27.59
N GLU A 28 -5.93 5.54 26.85
CA GLU A 28 -5.68 6.29 25.62
C GLU A 28 -6.55 7.56 25.56
N PRO A 29 -6.25 8.55 26.42
CA PRO A 29 -7.08 9.75 26.50
C PRO A 29 -7.05 10.63 25.24
N ASP A 30 -5.99 10.51 24.44
CA ASP A 30 -5.82 11.37 23.26
C ASP A 30 -6.45 10.80 21.99
N SER A 31 -6.80 9.51 22.02
CA SER A 31 -7.34 8.84 20.84
C SER A 31 -8.78 8.39 21.03
N CYS A 32 -9.30 8.54 22.25
CA CYS A 32 -10.65 8.08 22.55
C CYS A 32 -11.67 9.07 22.01
N ILE A 33 -12.88 8.59 21.75
CA ILE A 33 -13.93 9.44 21.22
C ILE A 33 -14.44 10.35 22.32
N SER A 34 -13.97 11.60 22.30
CA SER A 34 -14.30 12.54 23.36
C SER A 34 -14.38 13.97 22.86
N GLU A 35 -14.94 14.84 23.70
CA GLU A 35 -15.07 16.26 23.41
C GLU A 35 -13.70 16.90 23.18
N LYS A 36 -12.68 16.38 23.84
CA LYS A 36 -11.32 16.89 23.73
C LYS A 36 -10.73 16.64 22.34
N LEU A 37 -11.00 15.46 21.80
CA LEU A 37 -10.53 15.08 20.47
C LEU A 37 -11.01 16.03 19.39
N PHE A 38 -12.32 16.33 19.42
CA PHE A 38 -12.92 17.20 18.40
C PHE A 38 -12.50 18.65 18.58
N MET A 39 -12.29 19.06 19.83
CA MET A 39 -11.74 20.38 20.10
C MET A 39 -10.37 20.55 19.45
N GLU A 40 -9.54 19.51 19.52
CA GLU A 40 -8.19 19.58 19.00
C GLU A 40 -8.16 19.61 17.48
N MET A 41 -9.02 18.82 16.85
CA MET A 41 -9.13 18.82 15.40
C MET A 41 -9.66 20.16 14.89
N ALA A 42 -10.61 20.73 15.62
CA ALA A 42 -11.17 22.04 15.25
C ALA A 42 -10.10 23.12 15.21
N GLU A 43 -9.24 23.13 16.23
CA GLU A 43 -8.18 24.13 16.32
C GLU A 43 -7.22 24.02 15.14
N LEU A 44 -6.89 22.78 14.77
CA LEU A 44 -5.92 22.54 13.72
C LEU A 44 -6.52 22.77 12.34
N MET A 45 -7.82 22.54 12.21
CA MET A 45 -8.52 22.83 10.97
C MET A 45 -8.41 24.32 10.65
N VAL A 46 -8.45 25.14 11.70
CA VAL A 46 -8.26 26.58 11.55
C VAL A 46 -6.79 26.94 11.34
N SER A 47 -5.92 26.46 12.24
CA SER A 47 -4.53 26.91 12.27
C SER A 47 -3.63 26.30 11.20
N GLU A 48 -4.01 25.14 10.66
CA GLU A 48 -3.17 24.47 9.67
C GLU A 48 -3.71 24.59 8.25
N GLY A 49 -4.63 25.51 8.04
CA GLY A 49 -5.08 25.86 6.70
C GLY A 49 -6.13 24.94 6.10
N TRP A 50 -6.76 24.13 6.94
CA TRP A 50 -7.78 23.19 6.45
C TRP A 50 -9.08 23.90 6.10
N LYS A 51 -9.49 24.85 6.93
CA LYS A 51 -10.71 25.61 6.69
C LYS A 51 -10.57 26.43 5.41
N ASP A 52 -9.41 27.07 5.25
CA ASP A 52 -9.11 27.86 4.07
C ASP A 52 -9.11 27.01 2.79
N ALA A 53 -8.93 25.70 2.96
CA ALA A 53 -8.89 24.78 1.82
C ALA A 53 -10.29 24.30 1.44
N GLY A 54 -11.26 24.55 2.30
CA GLY A 54 -12.63 24.13 2.05
C GLY A 54 -13.17 23.13 3.06
N TYR A 55 -12.29 22.56 3.88
CA TYR A 55 -12.71 21.60 4.89
C TYR A 55 -13.42 22.33 6.02
N GLU A 56 -14.75 22.23 6.02
CA GLU A 56 -15.60 23.10 6.82
C GLU A 56 -16.40 22.36 7.88
N TYR A 57 -16.70 21.09 7.63
CA TYR A 57 -17.52 20.32 8.54
C TYR A 57 -16.72 19.37 9.43
N LEU A 58 -16.76 19.62 10.73
CA LEU A 58 -16.16 18.72 11.72
C LEU A 58 -17.24 17.78 12.21
N CYS A 59 -17.15 16.51 11.83
CA CYS A 59 -18.26 15.57 12.04
C CYS A 59 -17.96 14.47 13.04
N ILE A 60 -18.91 14.24 13.94
CA ILE A 60 -18.84 13.13 14.88
C ILE A 60 -19.55 11.90 14.32
N ASP A 61 -18.84 10.78 14.26
CA ASP A 61 -19.45 9.53 13.84
C ASP A 61 -20.03 8.80 15.04
N ASP A 62 -20.20 7.49 14.93
CA ASP A 62 -20.78 6.68 16.00
C ASP A 62 -19.97 6.77 17.30
N CYS A 63 -20.63 6.41 18.40
CA CYS A 63 -20.02 6.27 19.73
C CYS A 63 -19.83 7.60 20.47
N TRP A 64 -20.74 8.55 20.25
CA TRP A 64 -20.75 9.78 21.03
C TRP A 64 -21.85 9.74 22.08
N MET A 65 -22.78 8.81 21.92
CA MET A 65 -23.98 8.77 22.74
C MET A 65 -23.76 8.14 24.12
N ALA A 66 -24.57 8.57 25.08
CA ALA A 66 -24.70 7.88 26.35
C ALA A 66 -25.41 6.55 26.07
N PRO A 67 -25.26 5.57 26.98
CA PRO A 67 -25.86 4.25 26.75
C PRO A 67 -27.37 4.30 26.56
N GLN A 68 -28.02 5.33 27.11
CA GLN A 68 -29.46 5.41 27.10
C GLN A 68 -29.96 6.84 26.92
N ARG A 69 -31.24 6.98 26.61
CA ARG A 69 -31.85 8.29 26.45
C ARG A 69 -32.16 8.86 27.83
N ASP A 70 -32.22 10.18 27.97
CA ASP A 70 -32.58 10.76 29.25
C ASP A 70 -34.04 10.47 29.58
N SER A 71 -34.52 11.00 30.70
CA SER A 71 -35.87 10.71 31.16
C SER A 71 -36.96 11.22 30.20
N GLU A 72 -36.62 12.19 29.35
CA GLU A 72 -37.59 12.74 28.42
C GLU A 72 -37.47 12.16 27.00
N GLY A 73 -36.80 11.02 26.88
CA GLY A 73 -36.72 10.32 25.61
C GLY A 73 -35.79 10.90 24.55
N ARG A 74 -35.00 11.90 24.93
CA ARG A 74 -34.05 12.53 24.01
C ARG A 74 -32.68 11.87 24.08
N LEU A 75 -31.91 12.00 23.00
CA LEU A 75 -30.54 11.45 22.98
C LEU A 75 -29.62 12.24 23.90
N GLN A 76 -28.59 11.57 24.40
CA GLN A 76 -27.61 12.18 25.27
C GLN A 76 -26.19 11.96 24.75
N ALA A 77 -25.33 12.97 24.89
CA ALA A 77 -23.90 12.77 24.72
C ALA A 77 -23.39 12.05 25.95
N ASP A 78 -22.31 11.29 25.80
CA ASP A 78 -21.73 10.57 26.94
C ASP A 78 -21.29 11.56 28.00
N PRO A 79 -21.81 11.40 29.23
CA PRO A 79 -21.56 12.35 30.32
C PRO A 79 -20.09 12.47 30.71
N GLN A 80 -19.31 11.41 30.50
CA GLN A 80 -17.88 11.45 30.84
C GLN A 80 -17.00 11.92 29.69
N ARG A 81 -17.34 11.50 28.47
CA ARG A 81 -16.50 11.81 27.32
C ARG A 81 -16.92 13.10 26.62
N PHE A 82 -18.19 13.46 26.75
CA PHE A 82 -18.68 14.76 26.27
C PHE A 82 -19.36 15.52 27.40
N PRO A 83 -18.61 15.90 28.44
CA PRO A 83 -19.20 16.45 29.67
C PRO A 83 -19.88 17.82 29.50
N HIS A 84 -19.51 18.58 28.48
CA HIS A 84 -20.13 19.89 28.27
C HIS A 84 -21.33 19.82 27.34
N GLY A 85 -21.55 18.65 26.75
CA GLY A 85 -22.71 18.45 25.88
C GLY A 85 -22.46 18.88 24.45
N ILE A 86 -23.31 18.41 23.54
CA ILE A 86 -23.13 18.65 22.11
C ILE A 86 -23.38 20.10 21.72
N ARG A 87 -24.38 20.73 22.33
CA ARG A 87 -24.71 22.12 22.01
C ARG A 87 -23.52 23.03 22.31
N GLN A 88 -22.89 22.80 23.47
CA GLN A 88 -21.72 23.58 23.85
C GLN A 88 -20.53 23.30 22.94
N LEU A 89 -20.44 22.08 22.43
CA LEU A 89 -19.40 21.72 21.49
C LEU A 89 -19.66 22.39 20.15
N ALA A 90 -20.92 22.46 19.76
CA ALA A 90 -21.32 23.13 18.52
C ALA A 90 -21.05 24.62 18.60
N ASN A 91 -21.28 25.21 19.77
CA ASN A 91 -20.98 26.61 19.99
C ASN A 91 -19.50 26.91 19.80
N TYR A 92 -18.66 26.01 20.28
CA TYR A 92 -17.22 26.15 20.15
C TYR A 92 -16.76 26.06 18.69
N VAL A 93 -17.27 25.05 17.99
CA VAL A 93 -16.92 24.81 16.60
C VAL A 93 -17.35 26.00 15.73
N HIS A 94 -18.52 26.55 16.01
CA HIS A 94 -19.03 27.72 15.29
C HIS A 94 -18.18 28.96 15.58
N SER A 95 -17.65 29.06 16.79
CA SER A 95 -16.83 30.19 17.19
C SER A 95 -15.55 30.26 16.36
N LYS A 96 -15.12 29.12 15.82
CA LYS A 96 -13.97 29.07 14.94
C LYS A 96 -14.38 29.06 13.47
N GLY A 97 -15.66 29.28 13.22
CA GLY A 97 -16.15 29.41 11.85
C GLY A 97 -16.34 28.09 11.13
N LEU A 98 -16.44 27.01 11.88
CA LEU A 98 -16.66 25.69 11.31
C LEU A 98 -18.08 25.21 11.58
N LYS A 99 -18.45 24.08 10.98
CA LYS A 99 -19.77 23.49 11.20
C LYS A 99 -19.66 22.10 11.80
N LEU A 100 -20.70 21.68 12.51
CA LEU A 100 -20.66 20.41 13.25
C LEU A 100 -21.56 19.34 12.65
N GLY A 101 -20.98 18.17 12.39
CA GLY A 101 -21.76 17.02 11.97
C GLY A 101 -21.91 16.04 13.11
N ILE A 102 -22.99 15.27 13.10
CA ILE A 102 -23.23 14.27 14.14
C ILE A 102 -23.81 13.01 13.51
N TYR A 103 -23.99 11.96 14.31
CA TYR A 103 -24.36 10.64 13.81
C TYR A 103 -25.58 10.08 14.53
N ALA A 104 -26.49 9.49 13.77
CA ALA A 104 -27.61 8.73 14.33
C ALA A 104 -27.95 7.56 13.42
N ASP A 105 -28.93 6.76 13.80
CA ASP A 105 -29.24 5.54 13.05
C ASP A 105 -30.75 5.35 12.87
N VAL A 106 -31.14 4.98 11.65
CA VAL A 106 -32.55 4.78 11.31
C VAL A 106 -33.17 3.62 12.08
N GLY A 107 -32.33 2.67 12.47
CA GLY A 107 -32.81 1.46 13.13
C GLY A 107 -33.08 1.62 14.61
N ASN A 108 -33.13 0.51 15.31
CA ASN A 108 -33.33 0.48 16.75
C ASN A 108 -32.05 0.72 17.55
N LYS A 109 -30.90 0.46 16.93
CA LYS A 109 -29.61 0.81 17.51
C LYS A 109 -28.69 1.38 16.45
N THR A 110 -27.67 2.11 16.88
CA THR A 110 -26.55 2.43 16.01
C THR A 110 -25.77 1.13 15.79
N CYS A 111 -24.81 1.15 14.88
CA CYS A 111 -24.05 -0.05 14.57
C CYS A 111 -23.20 -0.51 15.76
N ALA A 112 -22.81 0.43 16.60
CA ALA A 112 -22.01 0.11 17.78
C ALA A 112 -22.88 -0.12 19.02
N GLY A 113 -24.17 -0.38 18.80
CA GLY A 113 -25.06 -0.80 19.87
C GLY A 113 -25.70 0.30 20.70
N PHE A 114 -25.40 1.56 20.37
CA PHE A 114 -25.97 2.69 21.09
C PHE A 114 -27.36 3.04 20.53
N PRO A 115 -28.18 3.78 21.30
CA PRO A 115 -29.58 4.06 20.96
C PRO A 115 -29.84 4.50 19.51
N GLY A 116 -30.73 3.78 18.84
CA GLY A 116 -31.16 4.11 17.49
C GLY A 116 -32.27 5.14 17.51
N SER A 117 -32.67 5.60 16.33
CA SER A 117 -33.63 6.69 16.24
C SER A 117 -35.04 6.25 15.84
N PHE A 118 -35.19 5.00 15.44
CA PHE A 118 -36.51 4.46 15.10
C PHE A 118 -37.49 4.68 16.25
N GLY A 119 -38.59 5.36 15.95
CA GLY A 119 -39.57 5.70 16.96
C GLY A 119 -39.33 7.07 17.56
N TYR A 120 -38.24 7.71 17.15
CA TYR A 120 -37.86 9.01 17.70
C TYR A 120 -37.40 10.01 16.64
N TYR A 121 -37.77 9.76 15.39
CA TYR A 121 -37.31 10.58 14.27
C TYR A 121 -37.54 12.09 14.44
N ASP A 122 -38.71 12.45 14.97
CA ASP A 122 -39.05 13.87 15.14
C ASP A 122 -38.30 14.52 16.30
N ILE A 123 -38.35 13.89 17.46
CA ILE A 123 -37.70 14.46 18.64
C ILE A 123 -36.17 14.52 18.45
N ASP A 124 -35.62 13.52 17.78
CA ASP A 124 -34.18 13.48 17.50
C ASP A 124 -33.78 14.60 16.54
N ALA A 125 -34.63 14.85 15.54
CA ALA A 125 -34.37 15.91 14.57
C ALA A 125 -34.39 17.27 15.25
N GLN A 126 -35.40 17.50 16.07
CA GLN A 126 -35.52 18.76 16.79
C GLN A 126 -34.38 18.91 17.80
N THR A 127 -34.00 17.79 18.42
CA THR A 127 -32.88 17.77 19.34
C THR A 127 -31.60 18.23 18.67
N PHE A 128 -31.32 17.64 17.50
CA PHE A 128 -30.15 18.01 16.71
C PHE A 128 -30.13 19.49 16.34
N ALA A 129 -31.27 20.00 15.88
CA ALA A 129 -31.39 21.40 15.47
C ALA A 129 -31.17 22.34 16.65
N ASP A 130 -31.76 21.99 17.79
CA ASP A 130 -31.59 22.79 19.01
C ASP A 130 -30.14 22.83 19.48
N TRP A 131 -29.39 21.77 19.17
CA TRP A 131 -28.00 21.69 19.58
C TRP A 131 -27.09 22.56 18.70
N GLY A 132 -27.59 22.93 17.53
CA GLY A 132 -26.82 23.74 16.60
C GLY A 132 -26.06 22.86 15.63
N VAL A 133 -26.52 21.63 15.47
CA VAL A 133 -25.91 20.66 14.56
C VAL A 133 -26.13 21.09 13.11
N ASP A 134 -25.10 20.97 12.30
CA ASP A 134 -25.16 21.43 10.91
C ASP A 134 -25.16 20.29 9.90
N LEU A 135 -24.90 19.08 10.37
CA LEU A 135 -24.90 17.91 9.47
C LEU A 135 -25.30 16.64 10.22
N LEU A 136 -25.99 15.75 9.53
CA LEU A 136 -26.36 14.47 10.12
C LEU A 136 -26.00 13.28 9.24
N LYS A 137 -25.13 12.42 9.74
CA LYS A 137 -24.86 11.15 9.11
C LYS A 137 -25.81 10.10 9.70
N PHE A 138 -26.68 9.56 8.85
CA PHE A 138 -27.74 8.69 9.32
C PHE A 138 -27.54 7.25 8.82
N ASP A 139 -27.16 6.37 9.74
CA ASP A 139 -26.81 5.00 9.41
C ASP A 139 -28.02 4.09 9.32
N GLY A 140 -27.83 2.88 8.81
CA GLY A 140 -28.92 1.96 8.57
C GLY A 140 -28.87 0.61 9.26
N CYS A 141 -28.09 0.52 10.33
CA CYS A 141 -27.98 -0.74 11.08
C CYS A 141 -29.26 -1.06 11.86
N TYR A 142 -29.40 -2.33 12.23
CA TYR A 142 -30.51 -2.82 13.03
C TYR A 142 -31.88 -2.34 12.56
N CYS A 143 -32.14 -2.55 11.27
CA CYS A 143 -33.43 -2.24 10.68
C CYS A 143 -33.98 -3.52 10.04
N ASP A 144 -35.16 -3.93 10.46
CA ASP A 144 -35.70 -5.23 10.05
C ASP A 144 -36.14 -5.25 8.59
N SER A 145 -37.08 -4.39 8.23
CA SER A 145 -37.67 -4.45 6.90
C SER A 145 -37.12 -3.39 5.95
N LEU A 146 -37.26 -3.65 4.66
CA LEU A 146 -36.92 -2.69 3.62
C LEU A 146 -37.81 -1.45 3.74
N GLU A 147 -39.05 -1.65 4.16
CA GLU A 147 -40.02 -0.58 4.22
C GLU A 147 -39.74 0.40 5.35
N ASN A 148 -39.34 -0.14 6.51
CA ASN A 148 -38.97 0.70 7.64
C ASN A 148 -37.74 1.53 7.31
N LEU A 149 -36.85 0.94 6.53
CA LEU A 149 -35.65 1.62 6.07
C LEU A 149 -36.01 2.83 5.21
N ALA A 150 -36.78 2.59 4.16
CA ALA A 150 -37.21 3.65 3.25
C ALA A 150 -38.07 4.67 3.96
N ASP A 151 -38.99 4.19 4.81
CA ASP A 151 -39.87 5.09 5.55
C ASP A 151 -39.08 5.93 6.55
N GLY A 152 -38.08 5.31 7.17
CA GLY A 152 -37.27 5.98 8.16
C GLY A 152 -36.42 7.10 7.60
N TYR A 153 -35.72 6.82 6.50
CA TYR A 153 -34.90 7.82 5.82
C TYR A 153 -35.73 9.00 5.32
N LYS A 154 -36.92 8.70 4.79
CA LYS A 154 -37.82 9.75 4.31
C LYS A 154 -38.37 10.57 5.47
N HIS A 155 -38.81 9.88 6.52
CA HIS A 155 -39.40 10.53 7.69
C HIS A 155 -38.42 11.49 8.32
N MET A 156 -37.17 11.05 8.48
CA MET A 156 -36.14 11.89 9.08
C MET A 156 -35.80 13.09 8.20
N SER A 157 -35.79 12.88 6.89
CA SER A 157 -35.52 13.95 5.93
C SER A 157 -36.51 15.09 6.06
N LEU A 158 -37.79 14.74 6.16
CA LEU A 158 -38.84 15.73 6.32
C LEU A 158 -38.80 16.33 7.72
N ALA A 159 -38.41 15.52 8.69
CA ALA A 159 -38.30 15.96 10.07
C ALA A 159 -37.24 17.05 10.22
N LEU A 160 -36.13 16.90 9.50
CA LEU A 160 -35.07 17.90 9.52
C LEU A 160 -35.51 19.24 8.92
N ASN A 161 -36.18 19.17 7.77
CA ASN A 161 -36.70 20.37 7.12
C ASN A 161 -37.59 21.19 8.05
N ARG A 162 -38.48 20.48 8.75
CA ARG A 162 -39.46 21.14 9.61
C ARG A 162 -38.86 21.76 10.87
N THR A 163 -37.58 21.51 11.12
CA THR A 163 -36.90 22.19 12.23
C THR A 163 -36.55 23.62 11.85
N GLY A 164 -36.45 23.87 10.55
CA GLY A 164 -36.12 25.18 10.04
C GLY A 164 -34.63 25.45 9.94
N ARG A 165 -33.83 24.55 10.51
CA ARG A 165 -32.38 24.71 10.47
C ARG A 165 -31.77 24.01 9.25
N SER A 166 -30.78 24.66 8.65
CA SER A 166 -30.04 24.05 7.54
C SER A 166 -29.13 22.94 8.07
N ILE A 167 -29.45 21.70 7.70
CA ILE A 167 -28.69 20.54 8.16
C ILE A 167 -28.43 19.59 7.00
N VAL A 168 -27.17 19.52 6.58
CA VAL A 168 -26.76 18.60 5.52
C VAL A 168 -27.12 17.16 5.93
N TYR A 169 -27.83 16.47 5.04
CA TYR A 169 -28.38 15.16 5.36
C TYR A 169 -27.64 14.04 4.63
N SER A 170 -26.90 13.24 5.41
CA SER A 170 -26.09 12.15 4.89
C SER A 170 -26.76 10.80 5.05
N CYS A 171 -26.97 10.10 3.95
CA CYS A 171 -27.71 8.85 4.00
C CYS A 171 -26.84 7.65 3.67
N GLU A 172 -27.17 6.52 4.27
CA GLU A 172 -26.53 5.26 3.91
C GLU A 172 -27.61 4.34 3.35
N TRP A 173 -28.72 4.96 2.97
CA TRP A 173 -29.90 4.29 2.44
C TRP A 173 -29.59 3.24 1.34
N PRO A 174 -28.88 3.63 0.27
CA PRO A 174 -28.70 2.62 -0.79
C PRO A 174 -27.79 1.46 -0.39
N LEU A 175 -26.82 1.71 0.49
CA LEU A 175 -25.89 0.66 0.93
C LEU A 175 -26.61 -0.51 1.62
N TYR A 176 -27.54 -0.20 2.50
CA TYR A 176 -28.27 -1.23 3.23
C TYR A 176 -29.43 -1.80 2.40
N MET A 177 -29.63 -1.24 1.21
CA MET A 177 -30.71 -1.67 0.33
C MET A 177 -30.24 -2.59 -0.80
N TRP A 178 -29.04 -2.33 -1.32
CA TRP A 178 -28.47 -3.09 -2.43
C TRP A 178 -28.53 -4.63 -2.39
N PRO A 179 -28.19 -5.24 -1.24
CA PRO A 179 -28.23 -6.71 -1.28
C PRO A 179 -29.63 -7.33 -1.35
N PHE A 180 -30.66 -6.49 -1.37
CA PHE A 180 -32.03 -6.97 -1.41
C PHE A 180 -32.72 -6.60 -2.73
N GLN A 181 -32.81 -5.31 -3.01
CA GLN A 181 -33.32 -4.86 -4.31
C GLN A 181 -32.61 -3.58 -4.74
N LYS A 182 -32.59 -3.32 -6.04
CA LYS A 182 -31.89 -2.16 -6.56
C LYS A 182 -32.56 -0.85 -6.13
N PRO A 183 -31.75 0.14 -5.74
CA PRO A 183 -32.23 1.43 -5.22
C PRO A 183 -32.83 2.34 -6.29
N ASN A 184 -33.80 3.17 -5.91
CA ASN A 184 -34.25 4.27 -6.78
C ASN A 184 -33.45 5.51 -6.41
N TYR A 185 -32.44 5.83 -7.20
CA TYR A 185 -31.57 6.96 -6.86
C TYR A 185 -32.26 8.30 -7.06
N THR A 186 -33.27 8.33 -7.92
CA THR A 186 -34.07 9.53 -8.10
C THR A 186 -34.84 9.80 -6.80
N GLU A 187 -35.37 8.74 -6.22
CA GLU A 187 -36.05 8.81 -4.93
C GLU A 187 -35.09 9.16 -3.80
N ILE A 188 -33.90 8.59 -3.85
CA ILE A 188 -32.90 8.82 -2.81
C ILE A 188 -32.40 10.26 -2.85
N ARG A 189 -32.09 10.75 -4.06
CA ARG A 189 -31.67 12.14 -4.24
C ARG A 189 -32.72 13.11 -3.72
N GLN A 190 -33.98 12.72 -3.84
CA GLN A 190 -35.10 13.53 -3.41
C GLN A 190 -35.03 13.85 -1.92
N TYR A 191 -34.48 12.92 -1.14
CA TYR A 191 -34.48 13.06 0.31
C TYR A 191 -33.08 13.28 0.91
N CYS A 192 -32.02 13.01 0.14
CA CYS A 192 -30.67 13.03 0.69
C CYS A 192 -29.67 13.92 -0.07
N ASN A 193 -28.75 14.53 0.68
CA ASN A 193 -27.69 15.36 0.10
C ASN A 193 -26.52 14.53 -0.44
N HIS A 194 -26.19 13.47 0.28
CA HIS A 194 -25.34 12.44 -0.26
C HIS A 194 -25.78 11.09 0.27
N TRP A 195 -25.30 10.03 -0.37
CA TRP A 195 -25.70 8.68 -0.01
C TRP A 195 -24.54 7.70 -0.19
N ARG A 196 -24.28 6.91 0.85
CA ARG A 196 -23.25 5.88 0.79
C ARG A 196 -23.70 4.72 -0.08
N ASN A 197 -22.89 4.37 -1.06
CA ASN A 197 -23.24 3.33 -2.02
C ASN A 197 -22.60 1.97 -1.71
N PHE A 198 -21.42 2.00 -1.09
CA PHE A 198 -20.59 0.80 -1.01
C PHE A 198 -20.04 0.58 0.41
N ALA A 199 -19.44 -0.59 0.62
CA ALA A 199 -18.95 -1.01 1.93
C ALA A 199 -17.93 -0.04 2.53
N ASP A 200 -17.80 -0.07 3.85
CA ASP A 200 -16.87 0.79 4.56
C ASP A 200 -15.46 0.77 3.99
N ILE A 201 -14.87 1.95 3.86
CA ILE A 201 -13.46 2.05 3.51
C ILE A 201 -12.61 1.70 4.72
N ASP A 202 -11.39 1.24 4.47
CA ASP A 202 -10.39 1.15 5.52
C ASP A 202 -9.03 1.61 4.99
N ASP A 203 -7.98 1.40 5.77
CA ASP A 203 -6.67 1.91 5.42
C ASP A 203 -5.90 0.97 4.49
N SER A 204 -6.43 0.76 3.28
CA SER A 204 -5.78 -0.15 2.34
C SER A 204 -6.05 0.15 0.87
N TRP A 205 -5.07 -0.18 0.03
CA TRP A 205 -5.17 -0.09 -1.42
C TRP A 205 -6.24 -1.03 -1.97
N LYS A 206 -6.44 -2.14 -1.28
CA LYS A 206 -7.48 -3.10 -1.64
C LYS A 206 -8.86 -2.45 -1.58
N SER A 207 -9.09 -1.69 -0.51
CA SER A 207 -10.38 -1.02 -0.30
C SER A 207 -10.65 0.00 -1.39
N ILE A 208 -9.64 0.80 -1.71
CA ILE A 208 -9.76 1.83 -2.75
C ILE A 208 -10.15 1.23 -4.08
N LYS A 209 -9.44 0.17 -4.47
CA LYS A 209 -9.73 -0.55 -5.71
C LYS A 209 -11.15 -1.08 -5.76
N SER A 210 -11.64 -1.57 -4.62
CA SER A 210 -12.98 -2.14 -4.56
C SER A 210 -14.03 -1.07 -4.79
N ILE A 211 -13.76 0.14 -4.31
CA ILE A 211 -14.67 1.25 -4.46
C ILE A 211 -14.68 1.75 -5.92
N LEU A 212 -13.50 1.92 -6.50
CA LEU A 212 -13.39 2.30 -7.90
C LEU A 212 -14.04 1.28 -8.82
N ASP A 213 -13.84 0.01 -8.52
CA ASP A 213 -14.36 -1.06 -9.36
C ASP A 213 -15.88 -1.16 -9.27
N TRP A 214 -16.43 -0.86 -8.09
CA TRP A 214 -17.87 -0.91 -7.92
C TRP A 214 -18.54 0.29 -8.59
N THR A 215 -17.87 1.43 -8.53
CA THR A 215 -18.42 2.67 -9.09
C THR A 215 -18.45 2.63 -10.62
N SER A 216 -17.36 2.17 -11.23
CA SER A 216 -17.28 2.08 -12.68
C SER A 216 -18.23 1.01 -13.22
N PHE A 217 -18.45 -0.03 -12.43
CA PHE A 217 -19.34 -1.12 -12.80
C PHE A 217 -20.81 -0.70 -12.77
N ASN A 218 -21.14 0.21 -11.86
CA ASN A 218 -22.53 0.66 -11.68
C ASN A 218 -22.78 2.09 -12.17
N GLN A 219 -21.87 2.63 -12.97
CA GLN A 219 -21.89 4.05 -13.28
C GLN A 219 -23.08 4.49 -14.15
N GLU A 220 -23.62 3.59 -14.97
CA GLU A 220 -24.79 3.96 -15.79
C GLU A 220 -26.02 4.16 -14.89
N ARG A 221 -25.92 3.70 -13.64
CA ARG A 221 -27.03 3.80 -12.70
C ARG A 221 -26.88 4.97 -11.73
N ILE A 222 -25.65 5.42 -11.50
CA ILE A 222 -25.42 6.42 -10.45
C ILE A 222 -24.79 7.74 -10.90
N VAL A 223 -24.17 7.77 -12.08
CA VAL A 223 -23.47 8.99 -12.51
C VAL A 223 -24.42 10.16 -12.80
N ASP A 224 -25.45 9.94 -13.60
CA ASP A 224 -26.32 11.03 -14.03
C ASP A 224 -27.18 11.64 -12.92
N VAL A 225 -27.48 10.87 -11.88
CA VAL A 225 -28.31 11.37 -10.80
C VAL A 225 -27.56 12.40 -9.95
N ALA A 226 -26.24 12.30 -9.94
CA ALA A 226 -25.42 13.18 -9.11
C ALA A 226 -25.42 14.61 -9.66
N GLY A 227 -25.42 15.58 -8.75
CA GLY A 227 -25.49 16.98 -9.11
C GLY A 227 -25.67 17.79 -7.84
N PRO A 228 -25.65 19.13 -7.98
CA PRO A 228 -25.78 20.05 -6.84
C PRO A 228 -26.91 19.68 -5.90
N GLY A 229 -26.58 19.43 -4.63
CA GLY A 229 -27.57 19.04 -3.65
C GLY A 229 -27.73 17.54 -3.45
N GLY A 230 -27.08 16.75 -4.32
CA GLY A 230 -27.18 15.30 -4.23
C GLY A 230 -26.01 14.58 -4.87
N TRP A 231 -25.15 14.00 -4.04
CA TRP A 231 -23.93 13.36 -4.52
C TRP A 231 -23.81 11.88 -4.13
N ASN A 232 -23.04 11.13 -4.91
CA ASN A 232 -22.65 9.79 -4.51
C ASN A 232 -21.50 9.86 -3.51
N ASP A 233 -21.58 9.05 -2.46
CA ASP A 233 -20.54 9.06 -1.43
C ASP A 233 -19.80 7.72 -1.38
N PRO A 234 -18.58 7.69 -1.92
CA PRO A 234 -17.70 6.53 -1.92
C PRO A 234 -16.83 6.46 -0.67
N ASP A 235 -17.28 7.15 0.39
CA ASP A 235 -16.70 7.10 1.73
C ASP A 235 -15.45 7.97 1.89
N MET A 236 -14.87 7.92 3.09
CA MET A 236 -13.88 8.89 3.56
C MET A 236 -12.55 8.87 2.81
N LEU A 237 -11.86 10.01 2.84
CA LEU A 237 -10.46 10.07 2.44
C LEU A 237 -9.58 9.52 3.56
N VAL A 238 -8.71 8.57 3.22
CA VAL A 238 -7.85 7.97 4.23
C VAL A 238 -6.39 8.35 4.00
N ILE A 239 -6.20 9.38 3.18
CA ILE A 239 -4.87 9.92 2.92
C ILE A 239 -4.30 10.52 4.21
N GLY A 240 -3.04 10.19 4.51
CA GLY A 240 -2.38 10.71 5.70
C GLY A 240 -2.23 9.69 6.81
N ASN A 241 -2.74 8.49 6.59
CA ASN A 241 -2.63 7.42 7.59
C ASN A 241 -1.48 6.45 7.32
N PHE A 242 -1.77 5.15 7.29
CA PHE A 242 -0.71 4.15 7.38
C PHE A 242 -0.67 3.11 6.25
N GLY A 243 -1.77 2.94 5.53
CA GLY A 243 -1.89 1.80 4.63
C GLY A 243 -1.71 2.07 3.15
N LEU A 244 -1.58 3.33 2.78
CA LEU A 244 -1.44 3.70 1.37
C LEU A 244 -0.06 4.25 1.05
N SER A 245 0.51 3.80 -0.06
CA SER A 245 1.73 4.40 -0.58
C SER A 245 1.39 5.79 -1.12
N TRP A 246 2.42 6.58 -1.39
CA TRP A 246 2.21 7.93 -1.91
C TRP A 246 1.38 7.94 -3.19
N ASN A 247 1.68 7.02 -4.10
CA ASN A 247 0.96 6.93 -5.37
C ASN A 247 -0.48 6.47 -5.21
N GLN A 248 -0.74 5.70 -4.16
CA GLN A 248 -2.10 5.23 -3.89
C GLN A 248 -2.92 6.35 -3.25
N GLN A 249 -2.26 7.19 -2.45
CA GLN A 249 -2.88 8.38 -1.91
C GLN A 249 -3.24 9.35 -3.03
N VAL A 250 -2.33 9.51 -3.98
CA VAL A 250 -2.57 10.35 -5.16
C VAL A 250 -3.78 9.84 -5.93
N THR A 251 -3.86 8.53 -6.09
CA THR A 251 -4.96 7.90 -6.80
C THR A 251 -6.31 8.21 -6.13
N GLN A 252 -6.35 8.17 -4.80
CA GLN A 252 -7.58 8.47 -4.10
C GLN A 252 -7.97 9.94 -4.25
N MET A 253 -7.00 10.84 -4.14
CA MET A 253 -7.29 12.26 -4.25
C MET A 253 -7.81 12.60 -5.65
N ALA A 254 -7.07 12.16 -6.66
CA ALA A 254 -7.46 12.37 -8.06
C ALA A 254 -8.85 11.83 -8.39
N LEU A 255 -9.12 10.60 -7.99
CA LEU A 255 -10.35 9.92 -8.39
C LEU A 255 -11.58 10.35 -7.60
N TRP A 256 -11.38 10.80 -6.37
CA TRP A 256 -12.49 11.31 -5.57
C TRP A 256 -12.88 12.70 -6.06
N ALA A 257 -11.96 13.34 -6.78
CA ALA A 257 -12.24 14.61 -7.45
C ALA A 257 -13.01 14.35 -8.74
N ILE A 258 -12.56 13.36 -9.50
CA ILE A 258 -13.24 12.91 -10.71
C ILE A 258 -14.69 12.53 -10.41
N MET A 259 -14.90 11.86 -9.29
CA MET A 259 -16.21 11.30 -8.96
C MET A 259 -17.15 12.31 -8.31
N ALA A 260 -16.68 13.55 -8.16
CA ALA A 260 -17.47 14.60 -7.50
C ALA A 260 -17.94 14.12 -6.13
N ALA A 261 -17.02 13.51 -5.39
CA ALA A 261 -17.34 12.91 -4.10
C ALA A 261 -17.20 13.91 -2.97
N PRO A 262 -18.00 13.74 -1.91
CA PRO A 262 -17.75 14.49 -0.69
C PRO A 262 -16.36 14.16 -0.17
N LEU A 263 -15.63 15.17 0.32
CA LEU A 263 -14.28 14.93 0.80
C LEU A 263 -14.24 14.99 2.33
N PHE A 264 -14.52 13.87 2.96
CA PHE A 264 -14.39 13.74 4.40
C PHE A 264 -13.09 13.03 4.78
N MET A 265 -12.12 13.81 5.26
CA MET A 265 -10.89 13.23 5.76
C MET A 265 -11.14 12.43 7.03
N SER A 266 -10.51 11.26 7.12
CA SER A 266 -10.46 10.53 8.38
C SER A 266 -9.02 10.23 8.72
N ASN A 267 -8.40 11.14 9.46
CA ASN A 267 -7.00 11.01 9.83
C ASN A 267 -6.72 11.73 11.15
N ASP A 268 -5.44 11.86 11.48
CA ASP A 268 -5.04 12.59 12.68
C ASP A 268 -4.30 13.85 12.29
N LEU A 269 -5.00 14.99 12.33
CA LEU A 269 -4.43 16.27 11.96
C LEU A 269 -3.29 16.69 12.87
N ARG A 270 -3.21 16.08 14.06
CA ARG A 270 -2.11 16.33 14.99
C ARG A 270 -0.81 15.68 14.52
N HIS A 271 -0.94 14.67 13.66
CA HIS A 271 0.22 13.91 13.20
C HIS A 271 0.07 13.57 11.72
N ILE A 272 0.38 14.52 10.85
CA ILE A 272 0.26 14.30 9.42
C ILE A 272 1.46 14.86 8.66
N SER A 273 2.00 14.03 7.77
CA SER A 273 3.17 14.40 6.98
C SER A 273 2.89 15.59 6.07
N PRO A 274 3.92 16.42 5.82
CA PRO A 274 3.82 17.56 4.90
C PRO A 274 3.33 17.14 3.51
N GLN A 275 3.78 15.98 3.07
CA GLN A 275 3.42 15.44 1.76
C GLN A 275 1.92 15.18 1.64
N ALA A 276 1.35 14.53 2.65
CA ALA A 276 -0.07 14.20 2.66
C ALA A 276 -0.91 15.46 2.85
N LYS A 277 -0.39 16.40 3.61
CA LYS A 277 -1.07 17.67 3.86
C LYS A 277 -1.22 18.48 2.58
N ALA A 278 -0.14 18.58 1.82
CA ALA A 278 -0.14 19.36 0.58
C ALA A 278 -1.05 18.76 -0.48
N LEU A 279 -1.13 17.44 -0.52
CA LEU A 279 -2.01 16.75 -1.46
C LEU A 279 -3.48 16.99 -1.12
N LEU A 280 -3.82 16.82 0.15
CA LEU A 280 -5.19 17.04 0.63
C LEU A 280 -5.61 18.50 0.48
N GLN A 281 -4.63 19.39 0.44
CA GLN A 281 -4.91 20.83 0.36
C GLN A 281 -4.60 21.38 -1.04
N ASP A 282 -4.46 20.49 -2.02
CA ASP A 282 -4.17 20.89 -3.39
C ASP A 282 -5.33 21.67 -3.98
N LYS A 283 -5.14 22.97 -4.16
CA LYS A 283 -6.21 23.86 -4.59
C LYS A 283 -6.77 23.54 -5.98
N ASP A 284 -5.87 23.26 -6.93
CA ASP A 284 -6.30 22.93 -8.29
C ASP A 284 -7.15 21.66 -8.33
N VAL A 285 -6.79 20.67 -7.54
CA VAL A 285 -7.50 19.40 -7.53
C VAL A 285 -8.81 19.51 -6.75
N ILE A 286 -8.78 20.21 -5.62
CA ILE A 286 -10.00 20.51 -4.87
C ILE A 286 -10.98 21.28 -5.74
N ALA A 287 -10.48 22.22 -6.52
CA ALA A 287 -11.31 23.03 -7.41
C ALA A 287 -12.04 22.16 -8.43
N ILE A 288 -11.37 21.10 -8.89
CA ILE A 288 -12.00 20.14 -9.79
C ILE A 288 -13.15 19.43 -9.08
N ASN A 289 -12.88 18.96 -7.87
CA ASN A 289 -13.90 18.34 -7.02
C ASN A 289 -15.07 19.29 -6.79
N GLN A 290 -14.75 20.57 -6.64
CA GLN A 290 -15.73 21.57 -6.26
C GLN A 290 -16.34 22.32 -7.45
N ASP A 291 -16.14 21.78 -8.66
CA ASP A 291 -16.62 22.44 -9.88
C ASP A 291 -18.11 22.72 -9.80
N PRO A 292 -18.50 23.99 -10.00
CA PRO A 292 -19.88 24.48 -9.82
C PRO A 292 -20.90 23.71 -10.64
N LEU A 293 -20.49 23.24 -11.82
CA LEU A 293 -21.35 22.46 -12.69
C LEU A 293 -21.87 21.21 -11.99
N GLY A 294 -20.99 20.57 -11.21
CA GLY A 294 -21.38 19.45 -10.40
C GLY A 294 -21.77 18.18 -11.16
N LYS A 295 -21.12 17.94 -12.28
CA LYS A 295 -21.39 16.73 -13.05
C LYS A 295 -20.34 15.67 -12.76
N GLN A 296 -20.78 14.54 -12.25
CA GLN A 296 -19.87 13.47 -11.84
C GLN A 296 -19.14 12.87 -13.03
N GLY A 297 -17.85 12.63 -12.87
CA GLY A 297 -17.05 11.99 -13.89
C GLY A 297 -17.38 10.51 -14.02
N TYR A 298 -16.65 9.83 -14.89
CA TYR A 298 -16.95 8.44 -15.21
C TYR A 298 -15.74 7.76 -15.83
N GLN A 299 -15.80 6.44 -15.96
CA GLN A 299 -14.71 5.69 -16.58
C GLN A 299 -14.88 5.65 -18.09
N LEU A 300 -13.95 6.29 -18.80
CA LEU A 300 -13.99 6.29 -20.26
C LEU A 300 -13.63 4.93 -20.84
N ARG A 301 -12.43 4.44 -20.53
CA ARG A 301 -12.02 3.13 -21.02
C ARG A 301 -11.18 2.36 -20.01
N GLN A 302 -10.97 1.09 -20.30
CA GLN A 302 -10.35 0.16 -19.36
C GLN A 302 -9.76 -1.04 -20.09
N GLY A 303 -8.44 -1.19 -20.00
CA GLY A 303 -7.75 -2.30 -20.63
C GLY A 303 -6.27 -2.22 -20.41
N ASP A 304 -5.58 -3.35 -20.55
CA ASP A 304 -4.13 -3.42 -20.41
C ASP A 304 -3.70 -2.90 -19.04
N ASN A 305 -4.53 -3.21 -18.03
CA ASN A 305 -4.32 -2.76 -16.67
C ASN A 305 -4.25 -1.23 -16.55
N PHE A 306 -4.87 -0.54 -17.49
CA PHE A 306 -5.01 0.91 -17.45
C PHE A 306 -6.48 1.29 -17.31
N GLU A 307 -6.73 2.41 -16.64
CA GLU A 307 -8.06 3.00 -16.64
C GLU A 307 -8.00 4.47 -17.04
N VAL A 308 -8.94 4.91 -17.85
CA VAL A 308 -9.09 6.32 -18.13
C VAL A 308 -10.43 6.83 -17.61
N TRP A 309 -10.37 7.85 -16.77
CA TRP A 309 -11.58 8.50 -16.26
C TRP A 309 -11.59 9.94 -16.72
N GLU A 310 -12.79 10.50 -16.91
CA GLU A 310 -12.89 11.91 -17.23
C GLU A 310 -14.13 12.56 -16.61
N ARG A 311 -14.02 13.86 -16.37
CA ARG A 311 -15.13 14.63 -15.81
C ARG A 311 -15.27 15.97 -16.53
N PRO A 312 -16.49 16.26 -17.04
CA PRO A 312 -16.74 17.55 -17.67
C PRO A 312 -16.83 18.67 -16.63
N LEU A 313 -16.11 19.76 -16.86
CA LEU A 313 -16.11 20.89 -15.94
C LEU A 313 -16.80 22.10 -16.57
N SER A 314 -17.03 23.13 -15.76
CA SER A 314 -17.61 24.37 -16.26
C SER A 314 -16.63 25.08 -17.18
N GLY A 315 -17.16 25.79 -18.17
CA GLY A 315 -16.34 26.54 -19.10
C GLY A 315 -15.59 25.67 -20.10
N LEU A 316 -16.25 24.59 -20.54
CA LEU A 316 -15.71 23.70 -21.56
C LEU A 316 -14.36 23.07 -21.19
N ALA A 317 -14.10 22.96 -19.89
CA ALA A 317 -12.89 22.29 -19.43
C ALA A 317 -13.19 20.84 -19.07
N TRP A 318 -12.20 19.98 -19.17
CA TRP A 318 -12.36 18.59 -18.78
C TRP A 318 -11.24 18.18 -17.83
N ALA A 319 -11.54 17.26 -16.92
CA ALA A 319 -10.51 16.65 -16.10
C ALA A 319 -10.34 15.19 -16.52
N VAL A 320 -9.10 14.76 -16.69
CA VAL A 320 -8.83 13.40 -17.12
C VAL A 320 -7.88 12.69 -16.15
N ALA A 321 -8.25 11.48 -15.75
CA ALA A 321 -7.43 10.69 -14.84
C ALA A 321 -7.05 9.36 -15.46
N MET A 322 -5.76 9.05 -15.45
CA MET A 322 -5.28 7.77 -15.98
C MET A 322 -4.62 6.95 -14.87
N ILE A 323 -5.16 5.76 -14.64
CA ILE A 323 -4.69 4.91 -13.56
C ILE A 323 -3.90 3.71 -14.09
N ASN A 324 -2.84 3.34 -13.38
CA ASN A 324 -2.08 2.14 -13.70
C ASN A 324 -2.37 1.09 -12.63
N ARG A 325 -3.15 0.08 -12.99
CA ARG A 325 -3.60 -0.92 -12.03
C ARG A 325 -2.63 -2.11 -11.96
N GLN A 326 -1.60 -2.07 -12.79
CA GLN A 326 -0.57 -3.11 -12.77
C GLN A 326 0.34 -2.89 -11.57
N GLU A 327 0.43 -3.89 -10.70
CA GLU A 327 1.13 -3.75 -9.44
C GLU A 327 2.48 -4.44 -9.46
N ILE A 328 3.18 -4.30 -10.59
CA ILE A 328 4.53 -4.83 -10.76
C ILE A 328 5.22 -4.03 -11.86
N GLY A 329 6.55 -4.02 -11.83
CA GLY A 329 7.31 -3.25 -12.79
C GLY A 329 7.41 -1.79 -12.40
N GLY A 330 7.68 -0.93 -13.38
CA GLY A 330 7.86 0.48 -13.12
C GLY A 330 6.80 1.32 -13.82
N PRO A 331 7.07 2.62 -13.98
CA PRO A 331 6.12 3.51 -14.67
C PRO A 331 5.84 3.03 -16.09
N ARG A 332 4.57 2.86 -16.45
CA ARG A 332 4.23 2.38 -17.77
C ARG A 332 3.69 3.49 -18.65
N SER A 333 4.08 3.45 -19.93
CA SER A 333 3.60 4.41 -20.91
C SER A 333 2.16 4.14 -21.32
N TYR A 334 1.35 5.18 -21.34
CA TYR A 334 -0.01 5.10 -21.86
C TYR A 334 -0.30 6.26 -22.80
N THR A 335 -0.90 5.94 -23.93
CA THR A 335 -1.14 6.94 -24.97
C THR A 335 -2.58 6.89 -25.45
N ILE A 336 -3.21 8.07 -25.55
CA ILE A 336 -4.58 8.17 -26.02
C ILE A 336 -4.74 9.37 -26.95
N ALA A 337 -5.51 9.19 -28.02
CA ALA A 337 -5.82 10.31 -28.90
C ALA A 337 -6.71 11.30 -28.17
N VAL A 338 -6.31 12.56 -28.16
CA VAL A 338 -7.03 13.58 -27.42
C VAL A 338 -8.43 13.82 -28.00
N ALA A 339 -8.65 13.36 -29.22
CA ALA A 339 -9.95 13.47 -29.87
C ALA A 339 -10.96 12.51 -29.22
N SER A 340 -10.44 11.51 -28.53
CA SER A 340 -11.29 10.55 -27.82
C SER A 340 -11.66 11.06 -26.43
N LEU A 341 -11.04 12.17 -26.04
CA LEU A 341 -11.30 12.77 -24.74
C LEU A 341 -12.40 13.83 -24.81
N GLY A 342 -13.15 13.96 -23.73
CA GLY A 342 -14.20 14.96 -23.63
C GLY A 342 -15.28 14.86 -24.69
N LYS A 343 -15.60 13.62 -25.06
CA LYS A 343 -16.62 13.33 -26.07
C LYS A 343 -16.33 14.01 -27.41
N GLY A 344 -15.06 14.34 -27.64
CA GLY A 344 -14.63 14.92 -28.90
C GLY A 344 -14.65 16.43 -29.04
N VAL A 345 -15.01 17.14 -27.98
CA VAL A 345 -15.04 18.60 -28.04
C VAL A 345 -14.04 19.27 -27.12
N ALA A 346 -13.34 18.48 -26.30
CA ALA A 346 -12.36 19.02 -25.37
C ALA A 346 -11.18 19.64 -26.11
N CYS A 347 -10.67 18.94 -27.12
CA CYS A 347 -9.50 19.40 -27.86
C CYS A 347 -9.82 19.69 -29.32
N ASN A 348 -10.96 20.32 -29.57
CA ASN A 348 -11.36 20.68 -30.93
C ASN A 348 -11.55 22.19 -31.01
N PRO A 349 -10.73 22.87 -31.83
CA PRO A 349 -9.66 22.30 -32.66
C PRO A 349 -8.37 22.04 -31.90
N ALA A 350 -8.29 22.55 -30.68
CA ALA A 350 -7.10 22.36 -29.86
C ALA A 350 -7.42 22.55 -28.38
N CYS A 351 -6.50 22.15 -27.52
CA CYS A 351 -6.64 22.37 -26.08
C CYS A 351 -5.29 22.52 -25.40
N PHE A 352 -5.26 23.25 -24.29
CA PHE A 352 -4.07 23.30 -23.45
C PHE A 352 -4.23 22.35 -22.28
N ILE A 353 -3.25 21.45 -22.13
CA ILE A 353 -3.33 20.43 -21.09
C ILE A 353 -2.33 20.69 -19.96
N THR A 354 -2.84 20.68 -18.73
CA THR A 354 -2.02 20.89 -17.55
C THR A 354 -2.09 19.70 -16.61
N GLN A 355 -0.95 19.09 -16.31
CA GLN A 355 -0.90 18.00 -15.34
C GLN A 355 -0.97 18.58 -13.93
N LEU A 356 -1.82 18.00 -13.09
CA LEU A 356 -1.97 18.46 -11.72
C LEU A 356 -1.36 17.47 -10.73
N LEU A 357 -1.45 16.19 -11.04
CA LEU A 357 -0.91 15.13 -10.20
C LEU A 357 -0.17 14.10 -11.05
N PRO A 358 0.90 13.49 -10.52
CA PRO A 358 1.45 13.64 -9.16
C PRO A 358 2.14 14.98 -8.92
N VAL A 359 2.53 15.67 -9.99
CA VAL A 359 3.11 17.01 -9.87
C VAL A 359 2.45 17.95 -10.87
N LYS A 360 2.48 19.24 -10.57
CA LYS A 360 1.91 20.23 -11.48
C LYS A 360 2.90 20.62 -12.56
N ARG A 361 2.53 20.37 -13.80
CA ARG A 361 3.40 20.65 -14.94
C ARG A 361 2.62 20.91 -16.23
N LYS A 362 2.83 22.08 -16.81
CA LYS A 362 2.22 22.41 -18.10
C LYS A 362 2.74 21.48 -19.20
N LEU A 363 1.82 20.86 -19.93
CA LEU A 363 2.22 19.95 -21.00
C LEU A 363 2.16 20.64 -22.37
N GLY A 364 1.38 21.71 -22.46
CA GLY A 364 1.33 22.53 -23.66
C GLY A 364 0.07 22.37 -24.48
N PHE A 365 0.14 22.83 -25.74
CA PHE A 365 -1.00 22.76 -26.65
C PHE A 365 -1.08 21.43 -27.38
N TYR A 366 -2.28 20.86 -27.41
CA TYR A 366 -2.53 19.62 -28.15
C TYR A 366 -3.57 19.86 -29.23
N GLU A 367 -3.22 19.50 -30.47
CA GLU A 367 -4.12 19.67 -31.59
C GLU A 367 -5.16 18.56 -31.60
N TRP A 368 -6.26 18.79 -32.30
CA TRP A 368 -7.31 17.79 -32.48
C TRP A 368 -6.74 16.45 -32.97
N THR A 369 -5.63 16.54 -33.69
CA THR A 369 -4.98 15.38 -34.29
C THR A 369 -4.00 14.69 -33.33
N SER A 370 -3.77 15.29 -32.17
CA SER A 370 -2.66 14.87 -31.31
C SER A 370 -2.98 13.69 -30.39
N ARG A 371 -1.90 13.07 -29.89
CA ARG A 371 -2.02 11.99 -28.93
C ARG A 371 -1.37 12.41 -27.62
N LEU A 372 -2.06 12.15 -26.52
CA LEU A 372 -1.54 12.43 -25.19
C LEU A 372 -0.71 11.24 -24.72
N ARG A 373 0.53 11.51 -24.31
CA ARG A 373 1.44 10.45 -23.89
C ARG A 373 1.89 10.65 -22.45
N SER A 374 1.77 9.60 -21.64
CA SER A 374 2.04 9.71 -20.22
C SER A 374 2.63 8.43 -19.64
N HIS A 375 3.44 8.58 -18.60
CA HIS A 375 3.97 7.44 -17.87
C HIS A 375 3.35 7.43 -16.48
N ILE A 376 2.69 6.33 -16.14
CA ILE A 376 1.97 6.25 -14.87
C ILE A 376 2.59 5.19 -13.96
N ASN A 377 2.86 5.60 -12.72
CA ASN A 377 3.40 4.71 -11.71
C ASN A 377 2.40 3.62 -11.34
N PRO A 378 2.91 2.40 -11.05
CA PRO A 378 2.08 1.31 -10.53
C PRO A 378 1.23 1.76 -9.35
N THR A 379 -0.08 1.53 -9.45
CA THR A 379 -1.07 1.95 -8.45
C THR A 379 -1.18 3.47 -8.31
N GLY A 380 -0.52 4.20 -9.21
CA GLY A 380 -0.60 5.64 -9.23
C GLY A 380 -1.60 6.16 -10.25
N THR A 381 -1.78 7.48 -10.27
CA THR A 381 -2.72 8.11 -11.20
C THR A 381 -2.19 9.45 -11.70
N VAL A 382 -2.32 9.69 -13.00
CA VAL A 382 -2.03 11.00 -13.58
C VAL A 382 -3.32 11.79 -13.78
N LEU A 383 -3.38 13.00 -13.22
CA LEU A 383 -4.56 13.84 -13.33
C LEU A 383 -4.27 15.06 -14.20
N LEU A 384 -5.11 15.26 -15.23
CA LEU A 384 -4.91 16.34 -16.18
C LEU A 384 -6.11 17.28 -16.23
N GLN A 385 -5.86 18.56 -16.49
CA GLN A 385 -6.95 19.48 -16.79
C GLN A 385 -6.81 19.99 -18.22
N LEU A 386 -7.89 19.89 -18.99
CA LEU A 386 -7.89 20.27 -20.40
C LEU A 386 -8.70 21.55 -20.61
N GLU A 387 -8.05 22.57 -21.16
CA GLU A 387 -8.74 23.81 -21.49
C GLU A 387 -8.86 23.96 -23.00
N ASN A 388 -10.09 24.02 -23.51
CA ASN A 388 -10.31 24.16 -24.94
C ASN A 388 -9.77 25.49 -25.47
N THR A 389 -9.13 25.45 -26.63
CA THR A 389 -8.43 26.60 -27.17
C THR A 389 -9.37 27.73 -27.61
N MET A 390 -10.67 27.47 -27.61
CA MET A 390 -11.65 28.50 -27.91
C MET A 390 -12.27 29.06 -26.64
N LEU B 1 24.69 -25.79 0.40
CA LEU B 1 25.85 -25.97 -0.48
C LEU B 1 27.09 -25.33 0.14
N ASP B 2 28.11 -26.13 0.44
CA ASP B 2 29.32 -25.54 1.02
C ASP B 2 30.40 -25.50 -0.05
N ASN B 3 30.39 -24.39 -0.77
CA ASN B 3 31.38 -24.05 -1.76
C ASN B 3 32.12 -22.84 -1.21
N GLY B 4 31.91 -22.61 0.08
CA GLY B 4 32.53 -21.52 0.81
C GLY B 4 31.82 -20.20 0.70
N LEU B 5 30.74 -20.16 -0.08
CA LEU B 5 30.02 -18.90 -0.32
C LEU B 5 28.72 -18.82 0.48
N ALA B 6 28.15 -17.61 0.50
CA ALA B 6 26.91 -17.32 1.21
C ALA B 6 26.95 -17.77 2.68
N ARG B 7 28.05 -17.49 3.36
CA ARG B 7 28.18 -17.77 4.79
C ARG B 7 27.24 -16.86 5.59
N THR B 8 26.94 -15.70 5.02
CA THR B 8 25.84 -14.88 5.49
C THR B 8 24.90 -14.72 4.29
N PRO B 9 23.65 -14.27 4.53
CA PRO B 9 22.74 -14.10 3.39
C PRO B 9 23.29 -13.14 2.33
N THR B 10 23.25 -13.57 1.08
CA THR B 10 23.72 -12.76 -0.04
C THR B 10 22.97 -11.43 -0.12
N MET B 11 23.70 -10.35 -0.41
CA MET B 11 23.12 -9.03 -0.55
C MET B 11 23.44 -8.43 -1.90
N GLY B 12 22.46 -7.80 -2.55
CA GLY B 12 22.69 -7.17 -3.83
C GLY B 12 21.47 -6.58 -4.50
N TRP B 13 21.52 -6.52 -5.84
CA TRP B 13 20.48 -5.89 -6.63
C TRP B 13 20.07 -6.78 -7.80
N LEU B 14 18.77 -6.97 -7.97
CA LEU B 14 18.23 -7.83 -9.03
C LEU B 14 17.15 -7.07 -9.81
N HIS B 15 17.21 -7.12 -11.13
CA HIS B 15 16.41 -6.21 -11.95
C HIS B 15 14.96 -6.62 -12.15
N TRP B 16 14.61 -7.86 -11.81
CA TRP B 16 13.35 -8.43 -12.29
C TRP B 16 12.07 -7.70 -11.91
N GLU B 17 11.87 -7.41 -10.64
CA GLU B 17 10.57 -6.89 -10.20
C GLU B 17 10.30 -5.51 -10.80
N ARG B 18 11.34 -4.69 -10.88
CA ARG B 18 11.19 -3.30 -11.34
C ARG B 18 11.21 -3.19 -12.86
N PHE B 19 12.03 -3.99 -13.54
CA PHE B 19 12.22 -3.84 -14.97
C PHE B 19 11.71 -5.01 -15.81
N MET B 20 11.52 -6.16 -15.17
CA MET B 20 10.94 -7.34 -15.81
C MET B 20 11.57 -7.68 -17.16
N CYS B 21 10.74 -7.87 -18.18
CA CYS B 21 11.22 -8.27 -19.49
C CYS B 21 11.00 -7.19 -20.56
N ASN B 22 11.39 -5.96 -20.24
CA ASN B 22 11.27 -4.86 -21.18
C ASN B 22 12.33 -4.99 -22.27
N LEU B 23 11.89 -5.23 -23.50
CA LEU B 23 12.82 -5.40 -24.62
C LEU B 23 12.77 -4.22 -25.59
N ASP B 24 11.84 -3.30 -25.35
CA ASP B 24 11.67 -2.13 -26.22
C ASP B 24 12.67 -1.02 -25.88
N CYS B 25 13.88 -1.13 -26.39
CA CYS B 25 14.93 -0.16 -26.08
C CYS B 25 14.78 1.14 -26.86
N GLN B 26 13.98 1.14 -27.91
CA GLN B 26 13.81 2.34 -28.73
C GLN B 26 12.76 3.30 -28.17
N GLU B 27 11.66 2.77 -27.64
CA GLU B 27 10.62 3.63 -27.07
C GLU B 27 10.66 3.69 -25.55
N GLU B 28 11.29 2.70 -24.92
CA GLU B 28 11.55 2.75 -23.49
C GLU B 28 13.01 2.42 -23.16
N PRO B 29 13.94 3.32 -23.54
CA PRO B 29 15.38 3.11 -23.36
C PRO B 29 15.81 3.11 -21.90
N ASP B 30 15.03 3.72 -21.02
CA ASP B 30 15.41 3.85 -19.62
C ASP B 30 14.94 2.66 -18.80
N SER B 31 14.03 1.88 -19.36
CA SER B 31 13.47 0.74 -18.63
C SER B 31 13.80 -0.61 -19.28
N CYS B 32 14.41 -0.57 -20.46
CA CYS B 32 14.68 -1.81 -21.18
C CYS B 32 15.92 -2.50 -20.60
N ILE B 33 15.95 -3.83 -20.75
CA ILE B 33 17.05 -4.63 -20.23
C ILE B 33 18.28 -4.49 -21.13
N SER B 34 19.25 -3.70 -20.70
CA SER B 34 20.44 -3.45 -21.51
C SER B 34 21.69 -3.28 -20.64
N GLU B 35 22.85 -3.38 -21.28
CA GLU B 35 24.12 -3.23 -20.59
C GLU B 35 24.27 -1.87 -19.93
N LYS B 36 23.66 -0.86 -20.54
CA LYS B 36 23.75 0.50 -20.03
C LYS B 36 23.04 0.64 -18.69
N LEU B 37 21.90 -0.03 -18.55
CA LEU B 37 21.16 -0.03 -17.29
C LEU B 37 22.00 -0.58 -16.16
N PHE B 38 22.64 -1.72 -16.40
CA PHE B 38 23.45 -2.38 -15.37
C PHE B 38 24.74 -1.62 -15.11
N MET B 39 25.32 -1.02 -16.16
CA MET B 39 26.48 -0.16 -16.00
C MET B 39 26.19 1.01 -15.07
N GLU B 40 25.04 1.64 -15.28
CA GLU B 40 24.68 2.81 -14.50
C GLU B 40 24.29 2.42 -13.07
N MET B 41 23.62 1.28 -12.95
CA MET B 41 23.25 0.75 -11.65
C MET B 41 24.51 0.42 -10.85
N ALA B 42 25.52 -0.10 -11.56
CA ALA B 42 26.81 -0.39 -10.96
C ALA B 42 27.47 0.86 -10.38
N GLU B 43 27.44 1.95 -11.15
CA GLU B 43 28.04 3.21 -10.73
C GLU B 43 27.40 3.74 -9.45
N LEU B 44 26.08 3.62 -9.37
CA LEU B 44 25.33 4.15 -8.25
C LEU B 44 25.44 3.30 -6.99
N MET B 45 25.62 1.99 -7.17
CA MET B 45 25.84 1.12 -6.02
C MET B 45 27.11 1.55 -5.29
N VAL B 46 28.10 1.99 -6.05
CA VAL B 46 29.34 2.52 -5.48
C VAL B 46 29.14 3.92 -4.90
N SER B 47 28.61 4.82 -5.72
CA SER B 47 28.58 6.24 -5.38
C SER B 47 27.53 6.61 -4.34
N GLU B 48 26.49 5.80 -4.21
CA GLU B 48 25.41 6.12 -3.28
C GLU B 48 25.45 5.26 -2.02
N GLY B 49 26.57 4.61 -1.77
CA GLY B 49 26.81 3.92 -0.51
C GLY B 49 26.18 2.54 -0.37
N TRP B 50 25.77 1.95 -1.49
CA TRP B 50 25.13 0.64 -1.45
C TRP B 50 26.15 -0.47 -1.20
N LYS B 51 27.31 -0.37 -1.86
CA LYS B 51 28.37 -1.35 -1.69
C LYS B 51 28.90 -1.37 -0.27
N ASP B 52 29.12 -0.18 0.30
CA ASP B 52 29.56 -0.04 1.68
C ASP B 52 28.53 -0.62 2.66
N ALA B 53 27.29 -0.73 2.22
CA ALA B 53 26.22 -1.24 3.06
C ALA B 53 26.13 -2.76 3.01
N GLY B 54 26.84 -3.36 2.04
CA GLY B 54 26.84 -4.80 1.90
C GLY B 54 26.27 -5.29 0.59
N TYR B 55 25.58 -4.40 -0.13
CA TYR B 55 25.00 -4.76 -1.42
C TYR B 55 26.12 -4.88 -2.45
N GLU B 56 26.48 -6.12 -2.76
CA GLU B 56 27.71 -6.44 -3.45
C GLU B 56 27.48 -7.08 -4.82
N TYR B 57 26.34 -7.75 -4.97
CA TYR B 57 26.04 -8.47 -6.21
C TYR B 57 25.07 -7.73 -7.13
N LEU B 58 25.54 -7.38 -8.32
CA LEU B 58 24.70 -6.81 -9.36
C LEU B 58 24.22 -7.93 -10.27
N CYS B 59 22.93 -8.25 -10.22
CA CYS B 59 22.44 -9.46 -10.87
C CYS B 59 21.53 -9.20 -12.07
N ILE B 60 21.78 -9.93 -13.15
CA ILE B 60 20.93 -9.92 -14.33
C ILE B 60 19.91 -11.04 -14.25
N ASP B 61 18.63 -10.71 -14.36
CA ASP B 61 17.58 -11.72 -14.40
C ASP B 61 17.32 -12.12 -15.85
N ASP B 62 16.12 -12.66 -16.10
CA ASP B 62 15.74 -13.13 -17.43
C ASP B 62 15.79 -12.01 -18.48
N CYS B 63 15.87 -12.42 -19.75
CA CYS B 63 15.76 -11.54 -20.93
C CYS B 63 17.05 -10.78 -21.25
N TRP B 64 18.20 -11.41 -21.01
CA TRP B 64 19.48 -10.85 -21.43
C TRP B 64 19.99 -11.55 -22.68
N MET B 65 19.41 -12.71 -22.98
CA MET B 65 19.90 -13.59 -24.03
C MET B 65 19.48 -13.19 -25.44
N ALA B 66 20.31 -13.55 -26.42
CA ALA B 66 19.90 -13.53 -27.82
C ALA B 66 18.86 -14.62 -28.01
N PRO B 67 18.04 -14.54 -29.08
CA PRO B 67 16.96 -15.52 -29.25
C PRO B 67 17.44 -16.98 -29.33
N GLN B 68 18.63 -17.22 -29.86
CA GLN B 68 19.20 -18.57 -29.90
C GLN B 68 20.72 -18.57 -29.78
N ARG B 69 21.28 -19.76 -29.62
CA ARG B 69 22.70 -19.97 -29.37
C ARG B 69 23.57 -19.76 -30.62
N ASP B 70 24.83 -19.42 -30.40
CA ASP B 70 25.78 -19.22 -31.49
C ASP B 70 26.11 -20.53 -32.21
N SER B 71 27.05 -20.44 -33.16
CA SER B 71 27.43 -21.60 -33.96
C SER B 71 28.07 -22.71 -33.12
N GLU B 72 28.59 -22.34 -31.95
CA GLU B 72 29.25 -23.32 -31.08
C GLU B 72 28.35 -23.79 -29.94
N GLY B 73 27.04 -23.58 -30.08
CA GLY B 73 26.09 -24.08 -29.11
C GLY B 73 26.10 -23.34 -27.79
N ARG B 74 26.81 -22.23 -27.73
CA ARG B 74 26.88 -21.42 -26.51
C ARG B 74 25.81 -20.33 -26.46
N LEU B 75 25.47 -19.91 -25.26
CA LEU B 75 24.52 -18.82 -25.07
C LEU B 75 25.13 -17.50 -25.56
N GLN B 76 24.26 -16.59 -25.99
CA GLN B 76 24.70 -15.28 -26.44
C GLN B 76 23.92 -14.20 -25.71
N ALA B 77 24.60 -13.12 -25.35
CA ALA B 77 23.89 -11.93 -24.90
C ALA B 77 23.29 -11.28 -26.14
N ASP B 78 22.18 -10.57 -25.96
CA ASP B 78 21.54 -9.92 -27.09
C ASP B 78 22.47 -8.88 -27.71
N PRO B 79 22.76 -9.03 -29.02
CA PRO B 79 23.72 -8.17 -29.74
C PRO B 79 23.32 -6.69 -29.76
N GLN B 80 22.03 -6.38 -29.70
CA GLN B 80 21.61 -4.99 -29.73
C GLN B 80 21.54 -4.35 -28.34
N ARG B 81 21.09 -5.12 -27.36
CA ARG B 81 20.92 -4.59 -26.01
C ARG B 81 22.18 -4.79 -25.16
N PHE B 82 22.96 -5.81 -25.50
CA PHE B 82 24.27 -6.03 -24.87
C PHE B 82 25.39 -6.15 -25.92
N PRO B 83 25.64 -5.09 -26.70
CA PRO B 83 26.58 -5.21 -27.82
C PRO B 83 28.03 -5.46 -27.41
N HIS B 84 28.39 -5.11 -26.18
CA HIS B 84 29.77 -5.31 -25.73
C HIS B 84 29.98 -6.66 -25.04
N GLY B 85 28.90 -7.40 -24.83
CA GLY B 85 29.01 -8.75 -24.29
C GLY B 85 29.10 -8.83 -22.78
N ILE B 86 28.85 -10.02 -22.24
CA ILE B 86 28.82 -10.24 -20.80
C ILE B 86 30.21 -10.15 -20.18
N ARG B 87 31.23 -10.62 -20.89
CA ARG B 87 32.60 -10.59 -20.40
C ARG B 87 33.07 -9.18 -20.09
N GLN B 88 32.84 -8.26 -21.02
CA GLN B 88 33.22 -6.87 -20.83
C GLN B 88 32.38 -6.20 -19.73
N LEU B 89 31.13 -6.63 -19.58
CA LEU B 89 30.27 -6.12 -18.53
C LEU B 89 30.75 -6.60 -17.15
N ALA B 90 31.18 -7.85 -17.09
CA ALA B 90 31.71 -8.41 -15.85
C ALA B 90 33.01 -7.71 -15.46
N ASN B 91 33.83 -7.40 -16.46
CA ASN B 91 35.06 -6.65 -16.24
C ASN B 91 34.77 -5.26 -15.68
N TYR B 92 33.72 -4.64 -16.19
CA TYR B 92 33.32 -3.31 -15.75
C TYR B 92 32.84 -3.35 -14.31
N VAL B 93 31.99 -4.32 -14.00
CA VAL B 93 31.44 -4.49 -12.67
C VAL B 93 32.53 -4.80 -11.63
N HIS B 94 33.48 -5.64 -12.01
CA HIS B 94 34.59 -5.99 -11.13
C HIS B 94 35.50 -4.80 -10.82
N SER B 95 35.66 -3.91 -11.80
CA SER B 95 36.51 -2.73 -11.64
C SER B 95 35.99 -1.82 -10.53
N LYS B 96 34.70 -1.92 -10.24
CA LYS B 96 34.09 -1.12 -9.18
C LYS B 96 33.95 -1.92 -7.89
N GLY B 97 34.54 -3.12 -7.87
CA GLY B 97 34.57 -3.93 -6.67
C GLY B 97 33.27 -4.65 -6.39
N LEU B 98 32.44 -4.81 -7.42
CA LEU B 98 31.17 -5.51 -7.29
C LEU B 98 31.22 -6.87 -7.98
N LYS B 99 30.18 -7.67 -7.80
CA LYS B 99 30.10 -8.97 -8.45
C LYS B 99 28.87 -9.08 -9.34
N LEU B 100 28.96 -9.93 -10.37
CA LEU B 100 27.91 -10.02 -11.38
C LEU B 100 27.16 -11.34 -11.31
N GLY B 101 25.83 -11.25 -11.21
CA GLY B 101 24.96 -12.41 -11.27
C GLY B 101 24.28 -12.51 -12.61
N ILE B 102 23.92 -13.72 -13.02
CA ILE B 102 23.24 -13.92 -14.29
C ILE B 102 22.14 -14.98 -14.11
N TYR B 103 21.35 -15.21 -15.16
CA TYR B 103 20.14 -16.03 -15.06
C TYR B 103 20.10 -17.14 -16.12
N ALA B 104 19.70 -18.33 -15.69
CA ALA B 104 19.44 -19.44 -16.62
C ALA B 104 18.28 -20.32 -16.12
N ASP B 105 17.93 -21.34 -16.90
CA ASP B 105 16.75 -22.17 -16.62
C ASP B 105 16.98 -23.67 -16.87
N VAL B 106 16.45 -24.53 -15.99
CA VAL B 106 16.63 -25.98 -16.11
C VAL B 106 15.98 -26.53 -17.34
N GLY B 107 14.92 -25.90 -17.78
CA GLY B 107 14.24 -26.44 -18.92
C GLY B 107 15.05 -25.98 -20.13
N ASN B 108 14.40 -26.03 -21.29
CA ASN B 108 15.05 -25.60 -22.50
C ASN B 108 14.52 -24.35 -23.13
N LYS B 109 13.79 -23.62 -22.29
CA LYS B 109 13.51 -22.21 -22.45
C LYS B 109 13.57 -21.56 -21.06
N THR B 110 13.94 -20.28 -21.01
CA THR B 110 13.70 -19.48 -19.83
C THR B 110 12.19 -19.20 -19.75
N CYS B 111 11.74 -18.60 -18.66
CA CYS B 111 10.32 -18.33 -18.50
C CYS B 111 9.83 -17.35 -19.56
N ALA B 112 10.73 -16.48 -20.02
CA ALA B 112 10.40 -15.51 -21.05
C ALA B 112 10.75 -16.00 -22.47
N GLY B 113 10.92 -17.30 -22.62
CA GLY B 113 11.06 -17.90 -23.94
C GLY B 113 12.44 -17.93 -24.58
N PHE B 114 13.44 -17.39 -23.87
CA PHE B 114 14.82 -17.38 -24.38
C PHE B 114 15.51 -18.72 -24.09
N PRO B 115 16.61 -19.03 -24.80
CA PRO B 115 17.26 -20.35 -24.72
C PRO B 115 17.49 -20.89 -23.31
N GLY B 116 16.97 -22.09 -23.06
CA GLY B 116 17.15 -22.77 -21.79
C GLY B 116 18.43 -23.58 -21.73
N SER B 117 18.70 -24.18 -20.57
CA SER B 117 19.96 -24.85 -20.34
C SER B 117 19.92 -26.38 -20.39
N PHE B 118 18.72 -26.96 -20.46
CA PHE B 118 18.61 -28.41 -20.57
C PHE B 118 19.38 -28.95 -21.78
N GLY B 119 20.28 -29.88 -21.52
CA GLY B 119 21.10 -30.44 -22.57
C GLY B 119 22.39 -29.67 -22.73
N TYR B 120 22.52 -28.58 -21.98
CA TYR B 120 23.68 -27.70 -22.09
C TYR B 120 24.24 -27.30 -20.73
N TYR B 121 23.90 -28.06 -19.69
CA TYR B 121 24.29 -27.70 -18.32
C TYR B 121 25.79 -27.44 -18.13
N ASP B 122 26.63 -28.27 -18.76
CA ASP B 122 28.07 -28.12 -18.61
C ASP B 122 28.63 -26.94 -19.42
N ILE B 123 28.27 -26.86 -20.69
CA ILE B 123 28.76 -25.78 -21.54
C ILE B 123 28.25 -24.41 -21.06
N ASP B 124 27.02 -24.36 -20.57
CA ASP B 124 26.45 -23.11 -20.06
C ASP B 124 27.16 -22.67 -18.78
N ALA B 125 27.48 -23.64 -17.92
CA ALA B 125 28.18 -23.37 -16.68
C ALA B 125 29.59 -22.86 -16.97
N GLN B 126 30.27 -23.53 -17.89
CA GLN B 126 31.62 -23.15 -18.29
C GLN B 126 31.62 -21.79 -18.96
N THR B 127 30.57 -21.52 -19.75
CA THR B 127 30.41 -20.23 -20.41
C THR B 127 30.36 -19.11 -19.38
N PHE B 128 29.54 -19.30 -18.35
CA PHE B 128 29.40 -18.33 -17.26
C PHE B 128 30.74 -18.07 -16.59
N ALA B 129 31.48 -19.15 -16.30
CA ALA B 129 32.77 -19.04 -15.64
C ALA B 129 33.78 -18.28 -16.51
N ASP B 130 33.80 -18.58 -17.80
CA ASP B 130 34.67 -17.88 -18.73
C ASP B 130 34.31 -16.40 -18.84
N TRP B 131 33.03 -16.09 -18.62
CA TRP B 131 32.56 -14.71 -18.68
C TRP B 131 32.90 -13.92 -17.42
N GLY B 132 33.20 -14.62 -16.33
CA GLY B 132 33.54 -13.97 -15.07
C GLY B 132 32.35 -13.80 -14.15
N VAL B 133 31.30 -14.60 -14.37
CA VAL B 133 30.08 -14.55 -13.57
C VAL B 133 30.32 -15.06 -12.15
N ASP B 134 29.74 -14.37 -11.17
CA ASP B 134 29.96 -14.72 -9.76
C ASP B 134 28.72 -15.29 -9.06
N LEU B 135 27.58 -15.24 -9.74
CA LEU B 135 26.34 -15.78 -9.17
C LEU B 135 25.43 -16.28 -10.29
N LEU B 136 24.69 -17.36 -10.02
CA LEU B 136 23.75 -17.89 -10.99
C LEU B 136 22.36 -18.10 -10.40
N LYS B 137 21.38 -17.36 -10.91
CA LYS B 137 19.98 -17.58 -10.58
C LYS B 137 19.40 -18.59 -11.57
N PHE B 138 18.96 -19.73 -11.04
CA PHE B 138 18.59 -20.85 -11.89
C PHE B 138 17.08 -21.12 -11.82
N ASP B 139 16.37 -20.76 -12.88
CA ASP B 139 14.91 -20.86 -12.90
C ASP B 139 14.42 -22.24 -13.32
N GLY B 140 13.13 -22.49 -13.13
CA GLY B 140 12.57 -23.81 -13.38
C GLY B 140 11.40 -23.92 -14.35
N CYS B 141 11.24 -22.92 -15.22
CA CYS B 141 10.15 -22.93 -16.19
C CYS B 141 10.37 -23.97 -17.29
N TYR B 142 9.27 -24.31 -17.97
CA TYR B 142 9.28 -25.25 -19.09
C TYR B 142 10.06 -26.52 -18.78
N CYS B 143 9.74 -27.13 -17.65
CA CYS B 143 10.33 -28.41 -17.26
C CYS B 143 9.21 -29.42 -17.01
N ASP B 144 9.29 -30.55 -17.70
CA ASP B 144 8.20 -31.53 -17.71
C ASP B 144 8.04 -32.34 -16.42
N SER B 145 9.04 -33.13 -16.08
CA SER B 145 8.95 -34.08 -14.98
C SER B 145 9.69 -33.66 -13.71
N LEU B 146 9.36 -34.31 -12.60
CA LEU B 146 10.08 -34.11 -11.34
C LEU B 146 11.55 -34.47 -11.44
N GLU B 147 11.85 -35.53 -12.17
CA GLU B 147 13.21 -36.05 -12.19
C GLU B 147 14.12 -35.19 -13.06
N ASN B 148 13.60 -34.68 -14.17
CA ASN B 148 14.38 -33.75 -14.98
C ASN B 148 14.64 -32.46 -14.23
N LEU B 149 13.66 -32.03 -13.43
CA LEU B 149 13.81 -30.86 -12.58
C LEU B 149 14.91 -31.07 -11.55
N ALA B 150 14.77 -32.15 -10.79
CA ALA B 150 15.72 -32.48 -9.73
C ALA B 150 17.12 -32.76 -10.28
N ASP B 151 17.21 -33.51 -11.37
CA ASP B 151 18.50 -33.84 -11.98
C ASP B 151 19.19 -32.61 -12.56
N GLY B 152 18.38 -31.71 -13.14
CA GLY B 152 18.93 -30.52 -13.77
C GLY B 152 19.56 -29.59 -12.75
N TYR B 153 18.85 -29.35 -11.65
CA TYR B 153 19.39 -28.54 -10.56
C TYR B 153 20.64 -29.17 -9.95
N LYS B 154 20.65 -30.49 -9.82
CA LYS B 154 21.82 -31.19 -9.29
C LYS B 154 23.00 -31.09 -10.24
N HIS B 155 22.74 -31.35 -11.52
CA HIS B 155 23.77 -31.34 -12.55
C HIS B 155 24.47 -29.99 -12.66
N MET B 156 23.68 -28.92 -12.69
CA MET B 156 24.24 -27.58 -12.80
C MET B 156 25.09 -27.22 -11.59
N SER B 157 24.66 -27.68 -10.41
CA SER B 157 25.42 -27.46 -9.18
C SER B 157 26.83 -28.04 -9.33
N LEU B 158 26.91 -29.26 -9.85
CA LEU B 158 28.19 -29.91 -10.08
C LEU B 158 28.92 -29.31 -11.27
N ALA B 159 28.16 -28.89 -12.28
CA ALA B 159 28.73 -28.28 -13.48
C ALA B 159 29.44 -26.97 -13.13
N LEU B 160 28.85 -26.22 -12.22
CA LEU B 160 29.45 -24.97 -11.74
C LEU B 160 30.73 -25.24 -10.95
N ASN B 161 30.67 -26.21 -10.03
CA ASN B 161 31.82 -26.60 -9.22
C ASN B 161 33.04 -26.94 -10.07
N ARG B 162 32.83 -27.73 -11.12
CA ARG B 162 33.93 -28.25 -11.93
C ARG B 162 34.61 -27.16 -12.75
N THR B 163 34.05 -25.96 -12.76
CA THR B 163 34.68 -24.83 -13.41
C THR B 163 35.82 -24.30 -12.56
N GLY B 164 35.75 -24.54 -11.26
CA GLY B 164 36.77 -24.08 -10.34
C GLY B 164 36.51 -22.67 -9.85
N ARG B 165 35.53 -22.00 -10.44
CA ARG B 165 35.21 -20.64 -10.08
C ARG B 165 34.16 -20.56 -8.96
N SER B 166 34.35 -19.63 -8.04
CA SER B 166 33.38 -19.38 -6.98
C SER B 166 32.13 -18.71 -7.53
N ILE B 167 31.01 -19.45 -7.53
CA ILE B 167 29.75 -18.94 -8.07
C ILE B 167 28.59 -19.27 -7.15
N VAL B 168 28.04 -18.25 -6.50
CA VAL B 168 26.86 -18.42 -5.66
C VAL B 168 25.72 -19.01 -6.49
N TYR B 169 25.15 -20.11 -6.00
CA TYR B 169 24.15 -20.85 -6.77
C TYR B 169 22.76 -20.64 -6.19
N SER B 170 21.95 -19.85 -6.89
CA SER B 170 20.60 -19.53 -6.44
C SER B 170 19.57 -20.36 -7.20
N CYS B 171 18.77 -21.13 -6.46
CA CYS B 171 17.86 -22.08 -7.07
C CYS B 171 16.40 -21.70 -6.86
N GLU B 172 15.55 -22.10 -7.79
CA GLU B 172 14.11 -21.96 -7.64
C GLU B 172 13.51 -23.36 -7.58
N TRP B 173 14.38 -24.32 -7.31
CA TRP B 173 14.07 -25.74 -7.24
C TRP B 173 12.82 -26.08 -6.40
N PRO B 174 12.77 -25.65 -5.13
CA PRO B 174 11.60 -26.08 -4.34
C PRO B 174 10.28 -25.47 -4.81
N LEU B 175 10.32 -24.27 -5.37
CA LEU B 175 9.13 -23.60 -5.85
C LEU B 175 8.44 -24.39 -6.97
N TYR B 176 9.23 -24.89 -7.92
CA TYR B 176 8.71 -25.65 -9.04
C TYR B 176 8.45 -27.12 -8.70
N MET B 177 8.73 -27.49 -7.46
CA MET B 177 8.54 -28.87 -7.03
C MET B 177 7.21 -29.02 -6.30
N TRP B 178 6.79 -27.95 -5.62
CA TRP B 178 5.54 -27.91 -4.85
C TRP B 178 4.33 -28.51 -5.58
N PRO B 179 4.13 -28.19 -6.89
CA PRO B 179 2.94 -28.74 -7.54
C PRO B 179 3.01 -30.25 -7.83
N PHE B 180 4.11 -30.92 -7.48
CA PHE B 180 4.21 -32.36 -7.69
C PHE B 180 4.23 -33.09 -6.36
N GLN B 181 5.28 -32.83 -5.58
CA GLN B 181 5.40 -33.36 -4.23
C GLN B 181 6.19 -32.36 -3.39
N LYS B 182 6.03 -32.42 -2.08
CA LYS B 182 6.71 -31.49 -1.19
C LYS B 182 8.21 -31.72 -1.26
N PRO B 183 9.00 -30.64 -1.26
CA PRO B 183 10.45 -30.74 -1.46
C PRO B 183 11.22 -31.36 -0.29
N ASN B 184 12.33 -32.03 -0.61
CA ASN B 184 13.29 -32.46 0.40
C ASN B 184 14.34 -31.38 0.55
N TYR B 185 14.24 -30.59 1.61
CA TYR B 185 15.13 -29.44 1.78
C TYR B 185 16.55 -29.85 2.15
N THR B 186 16.72 -31.05 2.69
CA THR B 186 18.05 -31.57 2.99
C THR B 186 18.82 -31.79 1.69
N GLU B 187 18.14 -32.35 0.70
CA GLU B 187 18.74 -32.55 -0.62
C GLU B 187 19.03 -31.22 -1.29
N ILE B 188 18.10 -30.28 -1.14
CA ILE B 188 18.23 -28.97 -1.75
C ILE B 188 19.38 -28.17 -1.15
N ARG B 189 19.48 -28.17 0.18
CA ARG B 189 20.58 -27.48 0.84
C ARG B 189 21.93 -28.03 0.37
N GLN B 190 21.98 -29.32 0.06
CA GLN B 190 23.19 -29.96 -0.41
C GLN B 190 23.71 -29.33 -1.70
N TYR B 191 22.80 -28.87 -2.55
CA TYR B 191 23.18 -28.39 -3.88
C TYR B 191 23.06 -26.88 -4.09
N CYS B 192 22.35 -26.17 -3.23
CA CYS B 192 22.07 -24.75 -3.47
C CYS B 192 22.48 -23.82 -2.34
N ASN B 193 22.90 -22.61 -2.69
CA ASN B 193 23.28 -21.60 -1.70
C ASN B 193 22.07 -20.91 -1.10
N HIS B 194 21.07 -20.61 -1.93
CA HIS B 194 19.74 -20.28 -1.43
C HIS B 194 18.67 -20.72 -2.43
N TRP B 195 17.41 -20.78 -1.96
CA TRP B 195 16.33 -21.33 -2.77
C TRP B 195 15.00 -20.61 -2.57
N ARG B 196 14.35 -20.28 -3.68
CA ARG B 196 13.03 -19.66 -3.67
C ARG B 196 11.95 -20.65 -3.27
N ASN B 197 11.13 -20.29 -2.29
CA ASN B 197 10.12 -21.20 -1.77
C ASN B 197 8.71 -20.97 -2.31
N PHE B 198 8.39 -19.72 -2.60
CA PHE B 198 7.00 -19.34 -2.89
C PHE B 198 6.90 -18.43 -4.11
N ALA B 199 5.68 -18.15 -4.54
CA ALA B 199 5.41 -17.39 -5.76
C ALA B 199 6.09 -16.02 -5.77
N ASP B 200 6.34 -15.50 -6.96
CA ASP B 200 6.98 -14.20 -7.14
C ASP B 200 6.36 -13.08 -6.31
N ILE B 201 7.23 -12.26 -5.73
CA ILE B 201 6.80 -11.03 -5.09
C ILE B 201 6.41 -10.01 -6.16
N ASP B 202 5.55 -9.06 -5.80
CA ASP B 202 5.34 -7.89 -6.63
C ASP B 202 5.26 -6.65 -5.75
N ASP B 203 4.89 -5.51 -6.35
CA ASP B 203 4.91 -4.25 -5.64
C ASP B 203 3.61 -4.00 -4.88
N SER B 204 3.32 -4.85 -3.90
CA SER B 204 2.08 -4.71 -3.13
C SER B 204 2.15 -5.28 -1.72
N TRP B 205 1.38 -4.69 -0.82
CA TRP B 205 1.24 -5.16 0.55
C TRP B 205 0.62 -6.55 0.60
N LYS B 206 -0.22 -6.86 -0.40
CA LYS B 206 -0.83 -8.18 -0.52
C LYS B 206 0.22 -9.28 -0.68
N SER B 207 1.21 -9.04 -1.54
CA SER B 207 2.25 -10.03 -1.80
C SER B 207 3.11 -10.28 -0.57
C SER B 207 3.12 -10.27 -0.58
N ILE B 208 3.41 -9.21 0.17
CA ILE B 208 4.22 -9.31 1.36
C ILE B 208 3.50 -10.11 2.44
N LYS B 209 2.22 -9.79 2.67
CA LYS B 209 1.40 -10.54 3.61
C LYS B 209 1.35 -12.01 3.20
N SER B 210 1.27 -12.24 1.90
CA SER B 210 1.15 -13.59 1.36
C SER B 210 2.43 -14.40 1.56
N ILE B 211 3.57 -13.73 1.46
CA ILE B 211 4.86 -14.38 1.66
C ILE B 211 5.08 -14.70 3.13
N LEU B 212 4.80 -13.72 3.99
CA LEU B 212 4.90 -13.91 5.44
C LEU B 212 3.99 -15.03 5.96
N ASP B 213 2.77 -15.09 5.43
CA ASP B 213 1.79 -16.05 5.90
C ASP B 213 2.14 -17.49 5.54
N TRP B 214 2.72 -17.70 4.36
CA TRP B 214 3.11 -19.04 3.96
C TRP B 214 4.42 -19.47 4.64
N THR B 215 5.28 -18.51 4.92
CA THR B 215 6.54 -18.80 5.57
C THR B 215 6.31 -19.26 7.01
N SER B 216 5.44 -18.57 7.73
CA SER B 216 5.10 -18.93 9.10
C SER B 216 4.28 -20.22 9.15
N PHE B 217 3.49 -20.46 8.10
CA PHE B 217 2.68 -21.67 8.01
C PHE B 217 3.56 -22.90 7.79
N ASN B 218 4.66 -22.70 7.09
CA ASN B 218 5.56 -23.80 6.75
C ASN B 218 6.88 -23.73 7.50
N GLN B 219 6.94 -22.94 8.56
CA GLN B 219 8.22 -22.63 9.19
C GLN B 219 8.89 -23.81 9.88
N GLU B 220 8.11 -24.72 10.46
CA GLU B 220 8.68 -25.88 11.13
C GLU B 220 9.25 -26.84 10.08
N ARG B 221 8.96 -26.56 8.81
CA ARG B 221 9.41 -27.37 7.70
C ARG B 221 10.67 -26.77 7.05
N ILE B 222 10.86 -25.46 7.19
CA ILE B 222 11.94 -24.78 6.47
C ILE B 222 12.93 -23.98 7.34
N VAL B 223 12.56 -23.63 8.57
CA VAL B 223 13.40 -22.76 9.39
C VAL B 223 14.73 -23.40 9.80
N ASP B 224 14.68 -24.62 10.32
CA ASP B 224 15.88 -25.28 10.83
C ASP B 224 16.88 -25.59 9.73
N VAL B 225 16.40 -25.68 8.49
CA VAL B 225 17.26 -26.01 7.36
C VAL B 225 18.20 -24.86 7.03
N ALA B 226 17.78 -23.64 7.35
CA ALA B 226 18.56 -22.44 7.02
C ALA B 226 19.81 -22.32 7.88
N GLY B 227 20.87 -21.81 7.27
CA GLY B 227 22.15 -21.67 7.94
C GLY B 227 23.22 -21.27 6.94
N PRO B 228 24.43 -20.96 7.42
CA PRO B 228 25.55 -20.55 6.57
C PRO B 228 25.75 -21.45 5.35
N GLY B 229 25.68 -20.86 4.16
CA GLY B 229 25.82 -21.61 2.93
C GLY B 229 24.52 -22.07 2.31
N GLY B 230 23.42 -21.92 3.05
CA GLY B 230 22.11 -22.35 2.57
C GLY B 230 20.96 -21.61 3.21
N TRP B 231 20.31 -20.73 2.45
CA TRP B 231 19.25 -19.90 3.01
C TRP B 231 17.91 -20.07 2.29
N ASN B 232 16.83 -19.78 3.00
CA ASN B 232 15.51 -19.68 2.38
C ASN B 232 15.37 -18.33 1.67
N ASP B 233 14.82 -18.33 0.47
CA ASP B 233 14.67 -17.11 -0.30
C ASP B 233 13.20 -16.75 -0.53
N PRO B 234 12.69 -15.78 0.24
CA PRO B 234 11.32 -15.26 0.13
C PRO B 234 11.21 -14.13 -0.90
N ASP B 235 12.16 -14.08 -1.82
CA ASP B 235 12.17 -13.19 -2.98
C ASP B 235 12.61 -11.76 -2.64
N MET B 236 12.62 -10.91 -3.65
CA MET B 236 13.31 -9.61 -3.62
C MET B 236 12.74 -8.59 -2.65
N LEU B 237 13.59 -7.66 -2.24
CA LEU B 237 13.15 -6.45 -1.55
C LEU B 237 12.59 -5.47 -2.57
N VAL B 238 11.37 -4.98 -2.33
CA VAL B 238 10.74 -4.06 -3.27
C VAL B 238 10.61 -2.67 -2.66
N ILE B 239 11.34 -2.43 -1.56
CA ILE B 239 11.39 -1.12 -0.94
C ILE B 239 12.01 -0.11 -1.91
N GLY B 240 11.37 1.04 -2.06
CA GLY B 240 11.87 2.07 -2.95
C GLY B 240 11.05 2.21 -4.22
N ASN B 241 10.02 1.39 -4.36
CA ASN B 241 9.16 1.46 -5.53
C ASN B 241 7.86 2.23 -5.28
N PHE B 242 6.72 1.63 -5.62
CA PHE B 242 5.48 2.41 -5.69
C PHE B 242 4.29 1.87 -4.89
N GLY B 243 4.33 0.60 -4.51
CA GLY B 243 3.14 -0.05 -3.99
C GLY B 243 3.04 -0.23 -2.49
N LEU B 244 4.11 0.11 -1.78
CA LEU B 244 4.13 -0.05 -0.34
C LEU B 244 4.13 1.28 0.40
N SER B 245 3.31 1.39 1.44
CA SER B 245 3.36 2.53 2.32
C SER B 245 4.64 2.46 3.14
N TRP B 246 4.99 3.55 3.82
CA TRP B 246 6.19 3.59 4.63
C TRP B 246 6.22 2.47 5.69
N ASN B 247 5.08 2.25 6.34
CA ASN B 247 5.00 1.22 7.38
C ASN B 247 5.08 -0.19 6.80
N GLN B 248 4.65 -0.34 5.56
CA GLN B 248 4.73 -1.63 4.88
C GLN B 248 6.14 -1.90 4.40
N GLN B 249 6.85 -0.84 4.03
CA GLN B 249 8.27 -0.95 3.69
C GLN B 249 9.09 -1.38 4.91
N VAL B 250 8.78 -0.80 6.06
CA VAL B 250 9.43 -1.15 7.31
C VAL B 250 9.20 -2.62 7.64
N THR B 251 7.96 -3.07 7.43
CA THR B 251 7.59 -4.45 7.69
C THR B 251 8.40 -5.45 6.87
N GLN B 252 8.64 -5.14 5.60
CA GLN B 252 9.43 -6.04 4.75
C GLN B 252 10.88 -6.10 5.21
N MET B 253 11.47 -4.94 5.51
CA MET B 253 12.86 -4.87 5.91
C MET B 253 13.08 -5.61 7.23
N ALA B 254 12.26 -5.29 8.21
CA ALA B 254 12.31 -5.94 9.52
C ALA B 254 12.20 -7.46 9.42
N LEU B 255 11.23 -7.94 8.64
CA LEU B 255 10.95 -9.36 8.56
C LEU B 255 11.93 -10.11 7.66
N TRP B 256 12.52 -9.43 6.69
CA TRP B 256 13.56 -10.03 5.88
C TRP B 256 14.85 -10.15 6.68
N ALA B 257 14.96 -9.33 7.73
CA ALA B 257 16.07 -9.44 8.67
C ALA B 257 15.82 -10.61 9.61
N ILE B 258 14.59 -10.70 10.11
CA ILE B 258 14.16 -11.80 10.96
C ILE B 258 14.33 -13.16 10.29
N MET B 259 14.00 -13.23 9.00
CA MET B 259 13.99 -14.50 8.29
C MET B 259 15.35 -14.92 7.75
N ALA B 260 16.38 -14.12 8.01
CA ALA B 260 17.73 -14.39 7.51
C ALA B 260 17.71 -14.60 6.01
N ALA B 261 16.98 -13.72 5.33
CA ALA B 261 16.76 -13.83 3.90
C ALA B 261 17.86 -13.15 3.10
N PRO B 262 18.13 -13.65 1.88
CA PRO B 262 18.98 -12.87 0.98
C PRO B 262 18.34 -11.52 0.72
N LEU B 263 19.13 -10.46 0.69
CA LEU B 263 18.58 -9.14 0.46
C LEU B 263 18.91 -8.66 -0.95
N PHE B 264 18.08 -9.06 -1.90
CA PHE B 264 18.20 -8.59 -3.28
C PHE B 264 17.20 -7.48 -3.54
N MET B 265 17.70 -6.24 -3.62
CA MET B 265 16.87 -5.11 -3.99
C MET B 265 16.38 -5.23 -5.42
N SER B 266 15.12 -4.91 -5.64
CA SER B 266 14.62 -4.74 -7.00
C SER B 266 13.94 -3.37 -7.09
N ASN B 267 14.72 -2.37 -7.46
CA ASN B 267 14.24 -1.00 -7.56
C ASN B 267 15.04 -0.22 -8.58
N ASP B 268 14.84 1.09 -8.61
CA ASP B 268 15.63 1.95 -9.49
C ASP B 268 16.48 2.88 -8.64
N LEU B 269 17.76 2.53 -8.51
CA LEU B 269 18.69 3.30 -7.68
C LEU B 269 18.87 4.72 -8.20
N ARG B 270 18.51 4.96 -9.46
CA ARG B 270 18.55 6.30 -10.03
C ARG B 270 17.42 7.17 -9.51
N HIS B 271 16.35 6.55 -9.03
CA HIS B 271 15.18 7.27 -8.57
C HIS B 271 14.60 6.63 -7.32
N ILE B 272 15.20 6.93 -6.18
CA ILE B 272 14.76 6.36 -4.91
C ILE B 272 14.75 7.44 -3.84
N SER B 273 13.68 7.49 -3.06
CA SER B 273 13.53 8.48 -2.01
C SER B 273 14.62 8.32 -0.96
N PRO B 274 15.05 9.42 -0.33
CA PRO B 274 16.04 9.38 0.75
C PRO B 274 15.59 8.46 1.86
N GLN B 275 14.28 8.46 2.14
CA GLN B 275 13.69 7.65 3.19
C GLN B 275 13.84 6.16 2.94
N ALA B 276 13.55 5.73 1.71
CA ALA B 276 13.65 4.31 1.36
C ALA B 276 15.11 3.88 1.33
N LYS B 277 15.98 4.81 0.93
CA LYS B 277 17.42 4.57 0.89
C LYS B 277 17.98 4.33 2.29
N ALA B 278 17.59 5.18 3.24
CA ALA B 278 18.08 5.08 4.61
C ALA B 278 17.60 3.81 5.28
N LEU B 279 16.38 3.38 4.96
CA LEU B 279 15.85 2.14 5.49
C LEU B 279 16.62 0.95 4.93
N LEU B 280 16.80 0.94 3.62
CA LEU B 280 17.53 -0.14 2.95
C LEU B 280 19.00 -0.20 3.36
N GLN B 281 19.54 0.92 3.83
CA GLN B 281 20.94 1.00 4.21
C GLN B 281 21.12 1.04 5.73
N ASP B 282 20.09 0.66 6.47
CA ASP B 282 20.13 0.66 7.92
C ASP B 282 21.11 -0.39 8.42
N LYS B 283 22.23 0.07 8.99
CA LYS B 283 23.32 -0.81 9.41
C LYS B 283 22.89 -1.79 10.50
N ASP B 284 22.14 -1.28 11.49
CA ASP B 284 21.67 -2.09 12.59
C ASP B 284 20.76 -3.24 12.13
N VAL B 285 19.90 -2.94 11.18
CA VAL B 285 18.94 -3.93 10.68
C VAL B 285 19.63 -4.90 9.72
N ILE B 286 20.52 -4.37 8.88
CA ILE B 286 21.36 -5.19 8.03
C ILE B 286 22.21 -6.15 8.85
N ALA B 287 22.72 -5.67 9.98
CA ALA B 287 23.56 -6.49 10.86
C ALA B 287 22.78 -7.68 11.42
N ILE B 288 21.49 -7.47 11.71
CA ILE B 288 20.64 -8.55 12.16
C ILE B 288 20.49 -9.61 11.08
N ASN B 289 20.21 -9.16 9.86
CA ASN B 289 20.13 -10.05 8.70
C ASN B 289 21.44 -10.82 8.49
N GLN B 290 22.56 -10.16 8.75
CA GLN B 290 23.88 -10.71 8.46
C GLN B 290 24.54 -11.39 9.66
N ASP B 291 23.73 -11.67 10.69
CA ASP B 291 24.23 -12.23 11.95
C ASP B 291 25.02 -13.53 11.74
N PRO B 292 26.26 -13.58 12.27
CA PRO B 292 27.21 -14.68 12.08
C PRO B 292 26.66 -16.05 12.46
N LEU B 293 25.79 -16.11 13.47
CA LEU B 293 25.18 -17.36 13.90
C LEU B 293 24.41 -18.03 12.78
N GLY B 294 23.71 -17.23 11.97
CA GLY B 294 23.01 -17.74 10.81
C GLY B 294 21.81 -18.61 11.13
N LYS B 295 21.10 -18.28 12.20
CA LYS B 295 19.89 -19.01 12.58
C LYS B 295 18.64 -18.23 12.17
N GLN B 296 17.83 -18.83 11.30
CA GLN B 296 16.62 -18.16 10.81
C GLN B 296 15.59 -17.99 11.91
N GLY B 297 14.97 -16.81 11.95
CA GLY B 297 13.91 -16.52 12.90
C GLY B 297 12.61 -17.23 12.58
N TYR B 298 11.58 -16.94 13.38
CA TYR B 298 10.31 -17.63 13.27
C TYR B 298 9.18 -16.83 13.91
N GLN B 299 7.95 -17.27 13.69
CA GLN B 299 6.79 -16.61 14.28
C GLN B 299 6.50 -17.19 15.66
N LEU B 300 6.67 -16.36 16.70
CA LEU B 300 6.45 -16.79 18.06
C LEU B 300 4.95 -16.99 18.36
N ARG B 301 4.17 -15.93 18.19
CA ARG B 301 2.74 -16.02 18.43
C ARG B 301 1.92 -15.20 17.43
N GLN B 302 0.61 -15.42 17.44
CA GLN B 302 -0.28 -14.83 16.43
C GLN B 302 -1.73 -14.81 16.91
N GLY B 303 -2.29 -13.61 17.00
CA GLY B 303 -3.68 -13.45 17.40
C GLY B 303 -4.08 -11.99 17.49
N ASP B 304 -5.38 -11.73 17.40
CA ASP B 304 -5.93 -10.39 17.55
C ASP B 304 -5.31 -9.43 16.52
N ASN B 305 -5.10 -9.94 15.31
CA ASN B 305 -4.44 -9.20 14.23
C ASN B 305 -3.04 -8.73 14.61
N PHE B 306 -2.41 -9.44 15.54
CA PHE B 306 -1.02 -9.21 15.89
C PHE B 306 -0.15 -10.41 15.52
N GLU B 307 1.09 -10.13 15.15
CA GLU B 307 2.10 -11.17 15.03
C GLU B 307 3.36 -10.79 15.78
N VAL B 308 3.94 -11.77 16.49
CA VAL B 308 5.26 -11.58 17.09
C VAL B 308 6.25 -12.56 16.46
N TRP B 309 7.33 -12.01 15.93
CA TRP B 309 8.41 -12.82 15.37
C TRP B 309 9.69 -12.57 16.17
N GLU B 310 10.55 -13.57 16.23
CA GLU B 310 11.85 -13.39 16.87
C GLU B 310 12.95 -14.18 16.18
N ARG B 311 14.18 -13.69 16.29
CA ARG B 311 15.33 -14.37 15.73
C ARG B 311 16.49 -14.38 16.72
N PRO B 312 17.02 -15.58 17.01
CA PRO B 312 18.19 -15.67 17.89
C PRO B 312 19.44 -15.16 17.21
N LEU B 313 20.18 -14.29 17.90
CA LEU B 313 21.40 -13.72 17.34
C LEU B 313 22.62 -14.27 18.08
N SER B 314 23.80 -13.96 17.54
CA SER B 314 25.04 -14.38 18.18
C SER B 314 25.23 -13.64 19.49
N GLY B 315 25.85 -14.31 20.47
CA GLY B 315 26.12 -13.69 21.75
C GLY B 315 24.91 -13.47 22.63
N LEU B 316 23.97 -14.42 22.60
CA LEU B 316 22.77 -14.39 23.43
C LEU B 316 21.89 -13.18 23.19
N ALA B 317 21.97 -12.60 21.99
CA ALA B 317 21.07 -11.52 21.61
C ALA B 317 19.89 -12.02 20.79
N TRP B 318 18.77 -11.30 20.87
CA TRP B 318 17.61 -11.58 20.04
C TRP B 318 17.07 -10.37 19.32
N ALA B 319 16.47 -10.61 18.15
CA ALA B 319 15.73 -9.59 17.44
C ALA B 319 14.26 -9.94 17.53
N VAL B 320 13.42 -8.96 17.85
CA VAL B 320 12.00 -9.20 17.99
C VAL B 320 11.21 -8.26 17.09
N ALA B 321 10.27 -8.81 16.33
CA ALA B 321 9.44 -8.02 15.43
C ALA B 321 7.97 -8.20 15.79
N MET B 322 7.27 -7.09 15.96
CA MET B 322 5.84 -7.11 16.25
C MET B 322 5.05 -6.44 15.13
N ILE B 323 4.17 -7.21 14.49
CA ILE B 323 3.41 -6.71 13.35
C ILE B 323 1.95 -6.47 13.71
N ASN B 324 1.38 -5.39 13.17
CA ASN B 324 -0.04 -5.10 13.31
C ASN B 324 -0.73 -5.33 11.97
N ARG B 325 -1.51 -6.40 11.89
CA ARG B 325 -2.14 -6.79 10.63
C ARG B 325 -3.52 -6.16 10.44
N GLN B 326 -3.96 -5.40 11.45
CA GLN B 326 -5.22 -4.68 11.35
C GLN B 326 -5.06 -3.46 10.44
N GLU B 327 -5.87 -3.41 9.38
CA GLU B 327 -5.70 -2.37 8.37
C GLU B 327 -6.79 -1.30 8.47
N ILE B 328 -7.10 -0.91 9.70
CA ILE B 328 -8.05 0.16 9.97
C ILE B 328 -7.74 0.74 11.35
N GLY B 329 -8.13 1.98 11.60
CA GLY B 329 -7.85 2.62 12.87
C GLY B 329 -6.43 3.15 12.97
N GLY B 330 -5.93 3.30 14.19
CA GLY B 330 -4.61 3.84 14.43
C GLY B 330 -3.66 2.87 15.12
N PRO B 331 -2.58 3.41 15.71
CA PRO B 331 -1.55 2.65 16.43
C PRO B 331 -2.13 1.82 17.58
N ARG B 332 -1.79 0.53 17.62
CA ARG B 332 -2.34 -0.38 18.61
C ARG B 332 -1.33 -0.72 19.70
N SER B 333 -1.80 -0.77 20.94
CA SER B 333 -0.95 -1.15 22.06
C SER B 333 -0.76 -2.66 22.11
N TYR B 334 0.49 -3.09 22.27
CA TYR B 334 0.76 -4.51 22.47
C TYR B 334 1.74 -4.70 23.62
N THR B 335 1.45 -5.63 24.51
CA THR B 335 2.25 -5.83 25.70
C THR B 335 2.61 -7.30 25.87
N ILE B 336 3.89 -7.55 26.14
CA ILE B 336 4.38 -8.92 26.30
C ILE B 336 5.42 -9.01 27.42
N ALA B 337 5.34 -10.07 28.21
CA ALA B 337 6.34 -10.34 29.24
C ALA B 337 7.66 -10.68 28.56
N VAL B 338 8.73 -9.97 28.93
CA VAL B 338 10.02 -10.14 28.29
C VAL B 338 10.60 -11.53 28.53
N ALA B 339 10.05 -12.23 29.52
CA ALA B 339 10.46 -13.59 29.82
C ALA B 339 9.97 -14.55 28.75
N SER B 340 8.96 -14.13 28.00
CA SER B 340 8.42 -14.96 26.91
C SER B 340 9.23 -14.77 25.64
N LEU B 341 10.13 -13.80 25.64
CA LEU B 341 10.96 -13.51 24.48
C LEU B 341 12.30 -14.24 24.55
N GLY B 342 12.82 -14.63 23.38
CA GLY B 342 14.11 -15.29 23.29
C GLY B 342 14.15 -16.60 24.07
N LYS B 343 13.01 -17.29 24.10
CA LYS B 343 12.85 -18.55 24.82
C LYS B 343 13.21 -18.44 26.30
N GLY B 344 13.14 -17.23 26.85
CA GLY B 344 13.36 -17.03 28.27
C GLY B 344 14.81 -16.79 28.67
N VAL B 345 15.71 -16.70 27.71
CA VAL B 345 17.11 -16.50 28.05
C VAL B 345 17.63 -15.15 27.55
N ALA B 346 16.80 -14.44 26.81
CA ALA B 346 17.17 -13.13 26.27
C ALA B 346 17.33 -12.10 27.38
N CYS B 347 16.40 -12.12 28.32
CA CYS B 347 16.41 -11.16 29.42
C CYS B 347 16.63 -11.88 30.74
N ASN B 348 17.61 -12.78 30.73
CA ASN B 348 17.98 -13.56 31.90
C ASN B 348 19.42 -13.23 32.27
N PRO B 349 19.63 -12.58 33.43
CA PRO B 349 18.61 -12.10 34.36
C PRO B 349 18.02 -10.76 33.92
N ALA B 350 18.62 -10.18 32.88
CA ALA B 350 18.18 -8.90 32.35
C ALA B 350 18.62 -8.72 30.91
N CYS B 351 18.09 -7.70 30.25
CA CYS B 351 18.51 -7.36 28.91
C CYS B 351 18.36 -5.86 28.67
N PHE B 352 19.18 -5.32 27.77
CA PHE B 352 19.00 -3.95 27.32
C PHE B 352 18.25 -4.00 26.00
N ILE B 353 17.12 -3.30 25.91
CA ILE B 353 16.32 -3.34 24.70
C ILE B 353 16.43 -2.05 23.91
N THR B 354 16.75 -2.19 22.63
CA THR B 354 16.88 -1.05 21.73
C THR B 354 15.93 -1.22 20.55
N GLN B 355 15.04 -0.24 20.37
CA GLN B 355 14.15 -0.23 19.21
C GLN B 355 14.94 0.21 17.98
N LEU B 356 14.79 -0.51 16.88
CA LEU B 356 15.49 -0.16 15.65
C LEU B 356 14.53 0.41 14.61
N LEU B 357 13.30 -0.10 14.58
CA LEU B 357 12.29 0.37 13.63
C LEU B 357 10.96 0.57 14.35
N PRO B 358 10.15 1.56 13.91
CA PRO B 358 10.35 2.47 12.77
C PRO B 358 11.43 3.53 13.00
N VAL B 359 11.77 3.77 14.26
CA VAL B 359 12.87 4.68 14.58
C VAL B 359 13.79 4.05 15.61
N LYS B 360 15.04 4.50 15.64
CA LYS B 360 16.00 3.98 16.60
C LYS B 360 15.87 4.70 17.94
N ARG B 361 15.55 3.94 18.99
CA ARG B 361 15.37 4.50 20.32
C ARG B 361 15.69 3.48 21.40
N LYS B 362 16.66 3.82 22.24
CA LYS B 362 17.01 3.00 23.39
C LYS B 362 15.85 2.97 24.38
N LEU B 363 15.42 1.77 24.75
CA LEU B 363 14.31 1.61 25.68
C LEU B 363 14.77 1.37 27.11
N GLY B 364 16.00 0.89 27.26
CA GLY B 364 16.60 0.73 28.58
C GLY B 364 16.71 -0.71 29.06
N PHE B 365 16.94 -0.86 30.36
CA PHE B 365 17.09 -2.17 30.97
C PHE B 365 15.76 -2.79 31.37
N TYR B 366 15.57 -4.05 30.99
CA TYR B 366 14.39 -4.80 31.39
C TYR B 366 14.82 -6.05 32.15
N GLU B 367 14.32 -6.21 33.37
CA GLU B 367 14.63 -7.40 34.14
C GLU B 367 13.76 -8.56 33.68
N TRP B 368 14.20 -9.76 34.01
CA TRP B 368 13.51 -11.00 33.65
C TRP B 368 12.00 -11.01 33.95
N THR B 369 11.60 -10.33 35.00
CA THR B 369 10.20 -10.31 35.42
C THR B 369 9.35 -9.22 34.76
N SER B 370 9.99 -8.32 34.02
CA SER B 370 9.33 -7.11 33.55
C SER B 370 8.55 -7.32 32.25
N ARG B 371 7.71 -6.35 31.90
CA ARG B 371 6.93 -6.41 30.66
C ARG B 371 7.32 -5.35 29.65
N LEU B 372 7.43 -5.77 28.39
CA LEU B 372 7.71 -4.88 27.28
C LEU B 372 6.40 -4.30 26.73
N ARG B 373 6.32 -2.98 26.63
CA ARG B 373 5.10 -2.33 26.16
C ARG B 373 5.36 -1.47 24.92
N SER B 374 4.56 -1.69 23.87
CA SER B 374 4.81 -1.08 22.58
C SER B 374 3.54 -0.73 21.79
N HIS B 375 3.64 0.30 20.95
CA HIS B 375 2.56 0.68 20.05
C HIS B 375 2.96 0.49 18.58
N ILE B 376 2.16 -0.27 17.83
CA ILE B 376 2.48 -0.57 16.43
C ILE B 376 1.46 -0.01 15.44
N ASN B 377 1.96 0.69 14.42
CA ASN B 377 1.12 1.22 13.35
C ASN B 377 0.49 0.12 12.51
N PRO B 378 -0.73 0.37 11.99
CA PRO B 378 -1.40 -0.53 11.04
C PRO B 378 -0.49 -0.92 9.87
N THR B 379 -0.32 -2.22 9.65
CA THR B 379 0.55 -2.77 8.61
C THR B 379 2.02 -2.45 8.83
N GLY B 380 2.33 -1.85 9.97
CA GLY B 380 3.71 -1.57 10.33
C GLY B 380 4.30 -2.62 11.23
N THR B 381 5.59 -2.46 11.53
CA THR B 381 6.30 -3.40 12.39
C THR B 381 7.26 -2.68 13.31
N VAL B 382 7.26 -3.07 14.59
CA VAL B 382 8.28 -2.59 15.52
C VAL B 382 9.37 -3.63 15.64
N LEU B 383 10.62 -3.21 15.38
CA LEU B 383 11.74 -4.12 15.46
C LEU B 383 12.61 -3.79 16.65
N LEU B 384 12.84 -4.79 17.49
CA LEU B 384 13.62 -4.59 18.71
C LEU B 384 14.85 -5.47 18.73
N GLN B 385 15.90 -4.98 19.35
CA GLN B 385 17.08 -5.80 19.61
C GLN B 385 17.25 -5.96 21.12
N LEU B 386 17.37 -7.22 21.54
CA LEU B 386 17.55 -7.53 22.96
C LEU B 386 18.95 -8.04 23.19
N GLU B 387 19.70 -7.33 24.03
CA GLU B 387 21.04 -7.77 24.42
C GLU B 387 21.06 -8.27 25.85
N ASN B 388 21.39 -9.55 26.02
CA ASN B 388 21.46 -10.14 27.34
C ASN B 388 22.57 -9.47 28.15
N THR B 389 22.29 -9.17 29.40
CA THR B 389 23.20 -8.40 30.23
C THR B 389 22.96 -8.65 31.71
N MET B 390 23.96 -8.35 32.53
CA MET B 390 23.80 -8.45 33.98
C MET B 390 23.61 -7.09 34.65
N GLN B 391 22.35 -6.79 34.97
CA GLN B 391 21.99 -5.64 35.80
C GLN B 391 20.53 -5.74 36.22
#